data_7PAW
#
_entry.id   7PAW
#
_cell.length_a   52.450
_cell.length_b   74.970
_cell.length_c   106.870
_cell.angle_alpha   90.000
_cell.angle_beta   93.870
_cell.angle_gamma   90.000
#
_symmetry.space_group_name_H-M   'P 1 21 1'
#
loop_
_entity.id
_entity.type
_entity.pdbx_description
1 polymer 'Mucosa-associated lymphoid tissue lymphoma translocation protein 1'
2 non-polymer ~{N}1-(3-chloranyl-[1,2,4]triazolo[4,3-b]pyridazin-6-yl)-~{N}4-[2-(trifluoromethyl)pyrimidin-4-yl]cyclohexane-1,4-diamine
3 water water
#
_entity_poly.entity_id   1
_entity_poly.type   'polypeptide(L)'
_entity_poly.pdbx_seq_one_letter_code
;MLAKDKVALLIGNMNYREHPKLKAPLVDVYELTNLLRQLDFKVVSLLDLTEYEMRNAVDEFLLLLDKGVYGLLYYAGHGY
ENFGNSFMVPVDAPNPYRSENCLCVQNILKLMQEKETGLNVFLLDMCRKRNDYDDTIPILDALKVTANIVFGYATCQGAE
AFEIQHSGLANGIFMKFLKDRLLEDKKITVLLDEVAEDMGKCHLTKGKQALEIRSSLSEKRALTDPIQGTEYSAESLVRN
LQWAKAHELPESMCLKFKCGVQIQLGFAAEFSNVMIIYTKIVYKPPEIIMCDAYVTDFPLDLDIDPKDANKGTPEETGSY
LVSKDLPKACLYTRLSSLQKLKEELVFTVCLSYQYSGLEDTVEDKQEVNVGKPLIAKLDMHRHHHHHH
;
_entity_poly.pdbx_strand_id   A,B
#
loop_
_chem_comp.id
_chem_comp.type
_chem_comp.name
_chem_comp.formula
6IT non-polymer ~{N}1-(3-chloranyl-[1,2,4]triazolo[4,3-b]pyridazin-6-yl)-~{N}4-[2-(trifluoromethyl)pyrimidin-4-yl]cyclohexane-1,4-diamine 'C16 H16 Cl F3 N8'
#
# COMPACT_ATOMS: atom_id res chain seq x y z
N MET A 1 -7.60 -17.76 14.25
CA MET A 1 -7.99 -16.46 14.80
C MET A 1 -9.49 -16.44 15.07
N LEU A 2 -9.89 -15.74 16.14
CA LEU A 2 -11.27 -15.55 16.55
C LEU A 2 -11.67 -14.11 16.31
N ALA A 3 -12.96 -13.90 16.05
CA ALA A 3 -13.56 -12.57 15.85
C ALA A 3 -14.55 -12.34 17.01
N LYS A 4 -14.57 -11.11 17.56
CA LYS A 4 -15.52 -10.74 18.61
C LYS A 4 -16.89 -10.76 17.95
N ASP A 5 -16.95 -10.23 16.71
CA ASP A 5 -18.12 -10.18 15.84
C ASP A 5 -17.66 -9.89 14.41
N LYS A 6 -18.57 -10.02 13.44
CA LYS A 6 -18.32 -9.74 12.02
C LYS A 6 -19.50 -8.92 11.53
N VAL A 7 -19.26 -7.63 11.30
CA VAL A 7 -20.27 -6.66 10.86
C VAL A 7 -19.91 -6.11 9.50
N ALA A 8 -20.92 -5.91 8.63
CA ALA A 8 -20.67 -5.33 7.31
C ALA A 8 -21.68 -4.25 6.92
N LEU A 9 -21.19 -3.16 6.34
CA LEU A 9 -22.03 -2.08 5.79
C LEU A 9 -21.78 -2.07 4.30
N LEU A 10 -22.84 -2.35 3.50
CA LEU A 10 -22.78 -2.37 2.04
C LEU A 10 -23.70 -1.27 1.53
N ILE A 11 -23.14 -0.29 0.84
CA ILE A 11 -23.88 0.84 0.26
C ILE A 11 -23.74 0.80 -1.25
N GLY A 12 -24.88 0.81 -1.93
CA GLY A 12 -24.97 0.82 -3.38
C GLY A 12 -25.73 2.02 -3.90
N ASN A 13 -24.99 3.00 -4.41
CA ASN A 13 -25.54 4.24 -4.98
C ASN A 13 -25.68 4.20 -6.49
N MET A 14 -26.92 4.27 -7.00
CA MET A 14 -27.24 4.20 -8.44
C MET A 14 -28.07 5.36 -8.99
N ASN A 15 -29.12 5.76 -8.26
CA ASN A 15 -30.09 6.76 -8.66
C ASN A 15 -29.68 8.23 -8.32
N TYR A 16 -28.58 8.67 -8.93
CA TYR A 16 -28.02 10.01 -8.81
C TYR A 16 -28.89 11.06 -9.49
N ARG A 17 -29.23 12.12 -8.72
CA ARG A 17 -30.10 13.20 -9.18
C ARG A 17 -29.46 14.10 -10.21
N GLU A 18 -28.21 14.54 -9.97
CA GLU A 18 -27.49 15.46 -10.85
C GLU A 18 -26.24 14.83 -11.51
N HIS A 19 -26.19 13.47 -11.57
CA HIS A 19 -25.05 12.72 -12.14
C HIS A 19 -25.54 11.45 -12.88
N PRO A 20 -24.70 10.84 -13.79
CA PRO A 20 -25.13 9.60 -14.49
C PRO A 20 -25.58 8.51 -13.50
N LYS A 21 -26.59 7.74 -13.88
CA LYS A 21 -27.11 6.67 -13.02
C LYS A 21 -26.28 5.38 -13.16
N LEU A 22 -26.25 4.52 -12.13
CA LEU A 22 -25.51 3.25 -12.20
C LEU A 22 -26.47 2.04 -12.19
N LYS A 23 -25.98 0.84 -12.55
CA LYS A 23 -26.82 -0.36 -12.63
C LYS A 23 -26.28 -1.52 -11.79
N ALA A 24 -24.96 -1.77 -11.89
CA ALA A 24 -24.21 -2.83 -11.20
C ALA A 24 -24.39 -2.86 -9.69
N PRO A 25 -24.39 -1.70 -8.94
CA PRO A 25 -24.58 -1.80 -7.48
C PRO A 25 -25.73 -2.67 -7.02
N LEU A 26 -26.89 -2.70 -7.72
CA LEU A 26 -28.06 -3.53 -7.33
C LEU A 26 -27.71 -5.03 -7.22
N VAL A 27 -27.12 -5.58 -8.29
CA VAL A 27 -26.72 -6.98 -8.38
C VAL A 27 -25.55 -7.27 -7.43
N ASP A 28 -24.52 -6.42 -7.43
CA ASP A 28 -23.32 -6.56 -6.59
C ASP A 28 -23.59 -6.49 -5.05
N VAL A 29 -24.43 -5.53 -4.57
CA VAL A 29 -24.77 -5.41 -3.14
C VAL A 29 -25.62 -6.60 -2.67
N TYR A 30 -26.64 -7.00 -3.43
CA TYR A 30 -27.46 -8.16 -3.07
C TYR A 30 -26.60 -9.43 -2.95
N GLU A 31 -25.73 -9.68 -3.94
CA GLU A 31 -24.89 -10.87 -4.01
C GLU A 31 -23.81 -10.91 -2.94
N LEU A 32 -23.17 -9.75 -2.62
CA LEU A 32 -22.17 -9.66 -1.55
C LEU A 32 -22.83 -9.85 -0.19
N THR A 33 -24.07 -9.32 0.01
CA THR A 33 -24.87 -9.52 1.23
C THR A 33 -25.05 -11.03 1.46
N ASN A 34 -25.49 -11.77 0.43
CA ASN A 34 -25.67 -13.22 0.53
C ASN A 34 -24.37 -13.97 0.88
N LEU A 35 -23.25 -13.63 0.22
CA LEU A 35 -21.96 -14.25 0.51
C LEU A 35 -21.50 -13.97 1.94
N LEU A 36 -21.58 -12.69 2.39
CA LEU A 36 -21.17 -12.31 3.74
C LEU A 36 -22.05 -12.92 4.84
N ARG A 37 -23.37 -13.09 4.57
CA ARG A 37 -24.33 -13.70 5.50
C ARG A 37 -24.01 -15.17 5.68
N GLN A 38 -23.48 -15.82 4.62
CA GLN A 38 -23.04 -17.21 4.66
C GLN A 38 -21.82 -17.33 5.57
N LEU A 39 -21.03 -16.25 5.69
CA LEU A 39 -19.84 -16.20 6.53
C LEU A 39 -20.19 -15.67 7.93
N ASP A 40 -21.47 -15.69 8.30
CA ASP A 40 -22.03 -15.30 9.60
C ASP A 40 -21.80 -13.83 9.98
N PHE A 41 -21.71 -12.95 8.98
CA PHE A 41 -21.59 -11.50 9.19
C PHE A 41 -23.02 -10.92 9.42
N LYS A 42 -23.11 -9.92 10.29
CA LYS A 42 -24.31 -9.14 10.50
C LYS A 42 -24.21 -8.07 9.41
N VAL A 43 -24.96 -8.27 8.30
CA VAL A 43 -24.93 -7.40 7.13
C VAL A 43 -26.07 -6.39 7.13
N VAL A 44 -25.71 -5.12 6.83
CA VAL A 44 -26.62 -4.00 6.63
C VAL A 44 -26.39 -3.61 5.15
N SER A 45 -27.38 -3.92 4.28
CA SER A 45 -27.30 -3.65 2.84
C SER A 45 -28.21 -2.48 2.51
N LEU A 46 -27.64 -1.38 2.01
CA LEU A 46 -28.42 -0.18 1.74
C LEU A 46 -28.25 0.35 0.32
N LEU A 47 -29.36 0.75 -0.32
CA LEU A 47 -29.28 1.31 -1.66
C LEU A 47 -29.73 2.76 -1.72
N ASP A 48 -29.06 3.55 -2.58
CA ASP A 48 -29.37 4.94 -2.91
C ASP A 48 -29.49 5.86 -1.69
N LEU A 49 -28.35 6.19 -1.10
CA LEU A 49 -28.42 7.03 0.09
C LEU A 49 -27.97 8.45 -0.20
N THR A 50 -28.67 9.43 0.41
CA THR A 50 -28.27 10.83 0.34
C THR A 50 -27.09 11.01 1.33
N GLU A 51 -26.50 12.23 1.38
CA GLU A 51 -25.37 12.57 2.24
C GLU A 51 -25.75 12.32 3.71
N TYR A 52 -26.90 12.91 4.11
CA TYR A 52 -27.51 12.82 5.44
C TYR A 52 -27.74 11.36 5.82
N GLU A 53 -28.22 10.54 4.88
CA GLU A 53 -28.49 9.12 5.08
C GLU A 53 -27.24 8.28 5.22
N MET A 54 -26.24 8.49 4.35
CA MET A 54 -24.94 7.80 4.37
C MET A 54 -24.20 8.04 5.68
N ARG A 55 -24.25 9.28 6.21
CA ARG A 55 -23.60 9.62 7.48
C ARG A 55 -24.34 8.92 8.66
N ASN A 56 -25.69 8.77 8.55
CA ASN A 56 -26.49 8.11 9.59
C ASN A 56 -26.28 6.60 9.54
N ALA A 57 -26.10 6.03 8.34
CA ALA A 57 -25.81 4.61 8.13
C ALA A 57 -24.41 4.28 8.71
N VAL A 58 -23.43 5.17 8.50
CA VAL A 58 -22.06 5.00 9.00
C VAL A 58 -22.07 4.91 10.54
N ASP A 59 -22.77 5.86 11.20
CA ASP A 59 -22.93 5.94 12.66
C ASP A 59 -23.65 4.71 13.22
N GLU A 60 -24.68 4.19 12.50
CA GLU A 60 -25.39 2.98 12.89
C GLU A 60 -24.53 1.74 12.77
N PHE A 61 -23.64 1.71 11.76
CA PHE A 61 -22.65 0.65 11.56
C PHE A 61 -21.62 0.65 12.74
N LEU A 62 -21.20 1.85 13.20
CA LEU A 62 -20.21 1.98 14.27
C LEU A 62 -20.70 1.54 15.65
N LEU A 63 -22.02 1.67 15.89
CA LEU A 63 -22.60 1.25 17.17
C LEU A 63 -22.61 -0.28 17.27
N LEU A 64 -22.56 -0.96 16.11
CA LEU A 64 -22.48 -2.41 15.97
C LEU A 64 -21.01 -2.89 16.10
N LEU A 65 -20.03 -1.94 16.14
CA LEU A 65 -18.59 -2.25 16.25
C LEU A 65 -18.06 -2.15 17.66
N ASP A 66 -17.09 -2.99 17.98
CA ASP A 66 -16.45 -3.05 19.30
C ASP A 66 -15.02 -3.59 19.14
N LYS A 67 -14.30 -3.76 20.27
CA LYS A 67 -12.94 -4.28 20.36
C LYS A 67 -12.90 -5.72 19.82
N GLY A 68 -11.97 -5.98 18.90
CA GLY A 68 -11.78 -7.29 18.26
C GLY A 68 -12.84 -7.65 17.22
N VAL A 69 -13.81 -6.73 16.96
CA VAL A 69 -14.86 -6.92 15.97
C VAL A 69 -14.26 -6.71 14.58
N TYR A 70 -14.71 -7.51 13.60
CA TYR A 70 -14.32 -7.41 12.19
C TYR A 70 -15.26 -6.46 11.48
N GLY A 71 -14.70 -5.37 10.96
CA GLY A 71 -15.47 -4.36 10.26
C GLY A 71 -15.22 -4.36 8.76
N LEU A 72 -16.32 -4.38 7.96
CA LEU A 72 -16.19 -4.35 6.51
C LEU A 72 -17.08 -3.30 5.88
N LEU A 73 -16.46 -2.42 5.07
CA LEU A 73 -17.19 -1.45 4.27
C LEU A 73 -17.04 -1.80 2.81
N TYR A 74 -18.17 -1.89 2.10
CA TYR A 74 -18.22 -2.06 0.65
C TYR A 74 -19.09 -0.98 0.08
N TYR A 75 -18.53 -0.20 -0.86
CA TYR A 75 -19.22 0.85 -1.60
C TYR A 75 -19.04 0.66 -3.09
N ALA A 76 -20.16 0.84 -3.82
CA ALA A 76 -20.29 0.88 -5.30
C ALA A 76 -21.18 2.07 -5.59
N GLY A 77 -20.69 2.94 -6.46
CA GLY A 77 -21.35 4.17 -6.85
C GLY A 77 -20.30 5.10 -7.42
N HIS A 78 -20.63 6.39 -7.54
CA HIS A 78 -19.68 7.38 -8.00
C HIS A 78 -18.71 7.66 -6.85
N GLY A 79 -17.45 7.86 -7.21
CA GLY A 79 -16.39 8.17 -6.29
C GLY A 79 -15.25 8.90 -6.95
N TYR A 80 -14.33 9.43 -6.14
CA TYR A 80 -13.12 10.12 -6.54
C TYR A 80 -12.01 9.97 -5.49
N GLU A 81 -10.80 10.30 -5.92
CA GLU A 81 -9.62 10.23 -5.07
C GLU A 81 -8.75 11.47 -5.21
N ASN A 82 -8.61 12.21 -4.09
CA ASN A 82 -7.82 13.43 -4.01
C ASN A 82 -6.88 13.36 -2.85
N PHE A 83 -5.61 13.62 -3.13
CA PHE A 83 -4.51 13.69 -2.15
C PHE A 83 -4.44 12.47 -1.23
N GLY A 84 -4.63 11.29 -1.82
CA GLY A 84 -4.58 10.01 -1.13
C GLY A 84 -5.89 9.53 -0.53
N ASN A 85 -6.91 10.41 -0.46
CA ASN A 85 -8.17 10.08 0.18
C ASN A 85 -9.31 9.71 -0.77
N SER A 86 -10.03 8.63 -0.44
CA SER A 86 -11.17 8.09 -1.17
C SER A 86 -12.47 8.76 -0.75
N PHE A 87 -13.26 9.27 -1.72
CA PHE A 87 -14.55 9.89 -1.41
C PHE A 87 -15.73 9.20 -2.08
N MET A 88 -16.82 9.01 -1.33
CA MET A 88 -18.02 8.35 -1.82
C MET A 88 -19.09 9.39 -2.02
N VAL A 89 -19.57 9.45 -3.26
CA VAL A 89 -20.51 10.43 -3.72
C VAL A 89 -22.00 10.02 -3.42
N PRO A 90 -22.73 10.83 -2.60
CA PRO A 90 -24.14 10.51 -2.32
C PRO A 90 -25.04 10.76 -3.54
N VAL A 91 -26.23 10.15 -3.58
CA VAL A 91 -27.15 10.30 -4.71
C VAL A 91 -27.71 11.76 -4.83
N ASP A 92 -27.65 12.59 -3.76
CA ASP A 92 -28.14 13.97 -3.78
C ASP A 92 -27.03 15.02 -4.06
N ALA A 93 -25.79 14.57 -4.33
CA ALA A 93 -24.65 15.43 -4.62
C ALA A 93 -24.92 16.35 -5.83
N PRO A 94 -24.55 17.66 -5.75
CA PRO A 94 -24.82 18.56 -6.88
C PRO A 94 -23.74 18.41 -7.97
N ASN A 95 -23.92 19.08 -9.10
CA ASN A 95 -22.94 19.04 -10.18
C ASN A 95 -22.41 20.45 -10.45
N PRO A 96 -21.16 20.80 -10.03
CA PRO A 96 -20.14 19.94 -9.41
C PRO A 96 -20.27 19.78 -7.88
N TYR A 97 -19.59 18.75 -7.32
CA TYR A 97 -19.51 18.44 -5.90
C TYR A 97 -18.09 18.65 -5.33
N ARG A 98 -18.04 18.92 -4.02
CA ARG A 98 -16.83 19.15 -3.24
C ARG A 98 -16.74 18.06 -2.17
N SER A 99 -15.69 18.11 -1.32
CA SER A 99 -15.41 17.18 -0.21
C SER A 99 -16.56 17.12 0.80
N GLU A 100 -17.17 18.29 1.11
CA GLU A 100 -18.25 18.47 2.07
C GLU A 100 -19.52 17.80 1.66
N ASN A 101 -19.71 17.60 0.34
CA ASN A 101 -20.89 16.94 -0.21
C ASN A 101 -20.75 15.43 -0.08
N CYS A 102 -19.51 14.92 -0.08
CA CYS A 102 -19.17 13.49 -0.02
C CYS A 102 -18.68 13.02 1.35
N LEU A 103 -18.47 11.69 1.50
CA LEU A 103 -17.96 10.99 2.70
C LEU A 103 -16.58 10.46 2.40
N CYS A 104 -15.60 10.81 3.21
CA CYS A 104 -14.21 10.36 3.09
C CYS A 104 -14.06 9.01 3.84
N VAL A 105 -13.54 7.99 3.15
CA VAL A 105 -13.38 6.64 3.70
C VAL A 105 -12.39 6.65 4.88
N GLN A 106 -11.30 7.46 4.79
CA GLN A 106 -10.31 7.58 5.87
C GLN A 106 -10.91 8.09 7.17
N ASN A 107 -11.99 8.91 7.09
CA ASN A 107 -12.68 9.43 8.27
C ASN A 107 -13.47 8.33 8.97
N ILE A 108 -13.97 7.37 8.19
CA ILE A 108 -14.74 6.22 8.66
C ILE A 108 -13.76 5.28 9.35
N LEU A 109 -12.64 4.99 8.68
CA LEU A 109 -11.55 4.15 9.17
C LEU A 109 -11.11 4.61 10.57
N LYS A 110 -10.84 5.93 10.73
CA LYS A 110 -10.43 6.55 12.00
C LYS A 110 -11.47 6.32 13.08
N LEU A 111 -12.77 6.44 12.74
CA LEU A 111 -13.83 6.18 13.71
C LEU A 111 -13.90 4.70 14.10
N MET A 112 -13.60 3.79 13.14
CA MET A 112 -13.55 2.33 13.34
C MET A 112 -12.39 1.95 14.27
N GLN A 113 -11.22 2.61 14.09
CA GLN A 113 -10.01 2.41 14.93
C GLN A 113 -10.26 2.86 16.36
N GLU A 114 -11.10 3.90 16.52
CA GLU A 114 -11.49 4.39 17.86
C GLU A 114 -12.40 3.36 18.58
N LYS A 115 -13.03 2.44 17.79
CA LYS A 115 -13.86 1.35 18.34
C LYS A 115 -13.00 0.10 18.58
N GLU A 116 -11.66 0.19 18.36
CA GLU A 116 -10.66 -0.87 18.55
C GLU A 116 -10.99 -2.20 17.82
N THR A 117 -11.44 -2.12 16.58
CA THR A 117 -11.76 -3.28 15.73
C THR A 117 -10.53 -4.24 15.57
N GLY A 118 -10.81 -5.54 15.35
CA GLY A 118 -9.74 -6.52 15.12
C GLY A 118 -9.32 -6.54 13.66
N LEU A 119 -10.23 -6.13 12.77
CA LEU A 119 -9.98 -6.08 11.33
C LEU A 119 -10.78 -4.98 10.67
N ASN A 120 -10.15 -4.23 9.76
CA ASN A 120 -10.85 -3.19 8.96
C ASN A 120 -10.66 -3.51 7.48
N VAL A 121 -11.75 -3.83 6.79
CA VAL A 121 -11.75 -4.16 5.34
C VAL A 121 -12.59 -3.18 4.57
N PHE A 122 -11.96 -2.54 3.59
CA PHE A 122 -12.60 -1.57 2.68
C PHE A 122 -12.53 -2.11 1.30
N LEU A 123 -13.70 -2.37 0.70
CA LEU A 123 -13.81 -2.86 -0.67
C LEU A 123 -14.44 -1.74 -1.45
N LEU A 124 -13.59 -0.94 -2.10
CA LEU A 124 -14.05 0.26 -2.82
C LEU A 124 -14.21 0.04 -4.31
N ASP A 125 -15.46 -0.20 -4.71
CA ASP A 125 -15.87 -0.45 -6.07
C ASP A 125 -16.33 0.88 -6.72
N MET A 126 -15.36 1.72 -7.06
CA MET A 126 -15.62 3.06 -7.61
C MET A 126 -14.40 3.52 -8.39
N CYS A 127 -14.59 4.58 -9.19
CA CYS A 127 -13.50 5.15 -9.98
CA CYS A 127 -13.56 5.22 -10.01
C CYS A 127 -12.59 5.95 -9.07
N ARG A 128 -11.32 6.00 -9.44
CA ARG A 128 -10.31 6.63 -8.61
C ARG A 128 -9.63 7.82 -9.23
N LYS A 129 -10.31 8.53 -10.11
CA LYS A 129 -9.76 9.74 -10.71
C LYS A 129 -9.99 10.90 -9.72
N ARG A 130 -9.27 12.00 -9.89
CA ARG A 130 -9.35 13.23 -9.08
C ARG A 130 -10.62 14.01 -9.42
N ASN A 131 -11.11 14.81 -8.45
CA ASN A 131 -12.23 15.74 -8.60
C ASN A 131 -11.54 17.10 -8.62
N ASP A 132 -11.45 17.70 -9.81
CA ASP A 132 -10.77 18.98 -10.03
C ASP A 132 -11.52 20.18 -9.43
N TYR A 133 -12.71 19.94 -8.87
CA TYR A 133 -13.53 20.97 -8.23
C TYR A 133 -13.35 20.97 -6.71
N ASP A 134 -12.61 19.97 -6.18
CA ASP A 134 -12.35 19.82 -4.76
C ASP A 134 -11.02 20.52 -4.35
N ASP A 135 -11.16 21.79 -3.96
CA ASP A 135 -10.11 22.71 -3.53
C ASP A 135 -9.45 22.28 -2.21
N THR A 136 -10.21 21.53 -1.38
CA THR A 136 -9.86 21.04 -0.04
C THR A 136 -8.52 20.33 0.01
N ILE A 137 -7.78 20.60 1.10
CA ILE A 137 -6.49 20.04 1.43
C ILE A 137 -6.69 19.26 2.74
N PRO A 138 -6.50 17.91 2.70
CA PRO A 138 -6.74 17.10 3.89
C PRO A 138 -5.98 17.52 5.14
N ILE A 139 -6.72 17.71 6.25
CA ILE A 139 -6.12 18.06 7.56
C ILE A 139 -5.47 16.77 8.07
N LEU A 140 -4.18 16.61 7.70
CA LEU A 140 -3.39 15.41 7.97
C LEU A 140 -3.31 15.06 9.47
N ASP A 141 -4.28 14.22 9.92
CA ASP A 141 -4.37 13.70 11.28
C ASP A 141 -3.92 12.25 11.23
N ALA A 142 -2.64 12.02 11.58
CA ALA A 142 -1.97 10.72 11.55
C ALA A 142 -2.79 9.61 12.22
N LEU A 143 -3.15 8.57 11.43
CA LEU A 143 -3.92 7.42 11.90
C LEU A 143 -3.08 6.53 12.85
N LYS A 144 -3.74 5.75 13.71
CA LYS A 144 -3.10 4.84 14.66
C LYS A 144 -2.54 3.61 13.91
N VAL A 145 -1.42 3.03 14.39
CA VAL A 145 -0.78 1.84 13.79
C VAL A 145 -1.43 0.61 14.42
N THR A 146 -2.62 0.28 13.90
CA THR A 146 -3.47 -0.83 14.33
C THR A 146 -3.09 -2.14 13.60
N ALA A 147 -2.35 -2.02 12.46
CA ALA A 147 -1.82 -3.13 11.67
C ALA A 147 -2.90 -4.19 11.33
N ASN A 148 -4.09 -3.72 10.93
CA ASN A 148 -5.26 -4.54 10.67
C ASN A 148 -6.14 -3.87 9.62
N ILE A 149 -5.54 -3.10 8.69
CA ILE A 149 -6.25 -2.35 7.66
C ILE A 149 -6.02 -2.97 6.29
N VAL A 150 -7.11 -3.33 5.60
CA VAL A 150 -7.03 -3.88 4.24
C VAL A 150 -7.93 -3.13 3.30
N PHE A 151 -7.37 -2.55 2.22
CA PHE A 151 -8.13 -1.88 1.15
C PHE A 151 -8.10 -2.75 -0.08
N GLY A 152 -9.27 -2.95 -0.64
CA GLY A 152 -9.48 -3.66 -1.89
C GLY A 152 -10.07 -2.66 -2.84
N TYR A 153 -9.26 -2.13 -3.76
CA TYR A 153 -9.79 -1.19 -4.75
C TYR A 153 -10.08 -1.92 -6.02
N ALA A 154 -11.27 -1.69 -6.61
CA ALA A 154 -11.72 -2.28 -7.88
C ALA A 154 -10.77 -1.94 -9.03
N THR A 155 -10.10 -0.76 -8.96
CA THR A 155 -9.18 -0.27 -9.98
C THR A 155 -7.93 0.40 -9.37
N CYS A 156 -6.93 0.72 -10.22
CA CYS A 156 -5.72 1.41 -9.84
C CYS A 156 -5.95 2.91 -9.88
N GLN A 157 -5.10 3.69 -9.19
CA GLN A 157 -5.15 5.15 -9.06
C GLN A 157 -5.16 5.84 -10.40
N GLY A 158 -6.11 6.76 -10.58
CA GLY A 158 -6.27 7.55 -11.79
C GLY A 158 -6.93 6.81 -12.95
N ALA A 159 -7.39 5.58 -12.70
CA ALA A 159 -8.07 4.71 -13.65
C ALA A 159 -9.58 4.60 -13.36
N GLU A 160 -10.34 4.12 -14.37
CA GLU A 160 -11.80 3.92 -14.37
C GLU A 160 -12.22 2.55 -13.79
N ALA A 161 -13.52 2.40 -13.42
CA ALA A 161 -14.13 1.16 -12.89
C ALA A 161 -15.36 0.77 -13.71
N ALA A 170 -26.40 -8.59 -14.45
CA ALA A 170 -24.96 -8.91 -14.43
C ALA A 170 -24.15 -8.08 -13.45
N ASN A 171 -23.19 -8.76 -12.81
CA ASN A 171 -22.24 -8.21 -11.88
C ASN A 171 -21.27 -7.26 -12.56
N GLY A 172 -20.75 -6.32 -11.77
CA GLY A 172 -19.68 -5.43 -12.19
C GLY A 172 -18.42 -6.28 -12.19
N ILE A 173 -17.34 -5.85 -12.86
CA ILE A 173 -16.11 -6.62 -12.97
C ILE A 173 -15.55 -7.08 -11.60
N PHE A 174 -15.37 -6.15 -10.63
CA PHE A 174 -14.85 -6.43 -9.29
C PHE A 174 -15.62 -7.54 -8.55
N MET A 175 -16.98 -7.46 -8.50
CA MET A 175 -17.81 -8.46 -7.86
C MET A 175 -17.81 -9.78 -8.61
N LYS A 176 -17.71 -9.73 -9.94
CA LYS A 176 -17.64 -10.90 -10.80
C LYS A 176 -16.51 -11.84 -10.31
N PHE A 177 -15.31 -11.25 -10.05
CA PHE A 177 -14.12 -11.97 -9.59
C PHE A 177 -14.11 -12.24 -8.09
N LEU A 178 -14.64 -11.30 -7.30
CA LEU A 178 -14.67 -11.38 -5.84
C LEU A 178 -15.56 -12.52 -5.33
N LYS A 179 -16.73 -12.73 -5.97
CA LYS A 179 -17.73 -13.78 -5.71
C LYS A 179 -17.16 -15.20 -5.69
N ASP A 180 -16.28 -15.51 -6.67
CA ASP A 180 -15.64 -16.81 -6.87
C ASP A 180 -14.57 -17.13 -5.83
N ARG A 181 -14.13 -16.12 -5.07
CA ARG A 181 -13.06 -16.31 -4.11
C ARG A 181 -13.40 -15.99 -2.66
N LEU A 182 -14.36 -15.08 -2.42
CA LEU A 182 -14.73 -14.59 -1.09
C LEU A 182 -14.95 -15.67 0.00
N LEU A 183 -15.52 -16.83 -0.33
CA LEU A 183 -15.81 -17.86 0.67
C LEU A 183 -14.59 -18.69 1.12
N GLU A 184 -13.44 -18.58 0.44
CA GLU A 184 -12.23 -19.36 0.75
C GLU A 184 -11.62 -19.04 2.11
N ASP A 185 -11.21 -20.09 2.84
CA ASP A 185 -10.56 -19.94 4.14
C ASP A 185 -9.08 -19.57 3.91
N LYS A 186 -8.84 -18.28 3.62
CA LYS A 186 -7.53 -17.67 3.34
C LYS A 186 -7.50 -16.27 3.95
N LYS A 187 -6.31 -15.83 4.42
CA LYS A 187 -6.07 -14.48 4.96
C LYS A 187 -6.56 -13.51 3.88
N ILE A 188 -7.38 -12.52 4.28
CA ILE A 188 -8.03 -11.58 3.39
C ILE A 188 -7.06 -10.97 2.34
N THR A 189 -5.81 -10.64 2.72
CA THR A 189 -4.79 -10.10 1.81
C THR A 189 -4.37 -11.09 0.72
N VAL A 190 -4.22 -12.38 1.10
CA VAL A 190 -3.86 -13.50 0.20
C VAL A 190 -5.03 -13.76 -0.76
N LEU A 191 -6.26 -13.68 -0.25
CA LEU A 191 -7.48 -13.90 -1.04
C LEU A 191 -7.66 -12.79 -2.08
N LEU A 192 -7.51 -11.51 -1.67
CA LEU A 192 -7.63 -10.37 -2.57
C LEU A 192 -6.55 -10.39 -3.65
N ASP A 193 -5.31 -10.81 -3.28
CA ASP A 193 -4.16 -10.94 -4.17
C ASP A 193 -4.42 -12.02 -5.24
N GLU A 194 -5.13 -13.08 -4.86
CA GLU A 194 -5.55 -14.15 -5.76
C GLU A 194 -6.62 -13.64 -6.74
N VAL A 195 -7.57 -12.79 -6.27
CA VAL A 195 -8.62 -12.12 -7.07
C VAL A 195 -7.97 -11.23 -8.15
N ALA A 196 -6.89 -10.51 -7.78
CA ALA A 196 -6.11 -9.65 -8.66
C ALA A 196 -5.44 -10.49 -9.78
N GLU A 197 -5.02 -11.73 -9.46
CA GLU A 197 -4.41 -12.66 -10.39
C GLU A 197 -5.49 -13.22 -11.36
N ASP A 198 -6.70 -13.52 -10.83
CA ASP A 198 -7.84 -13.98 -11.62
C ASP A 198 -8.16 -12.96 -12.70
N MET A 199 -8.18 -11.64 -12.35
CA MET A 199 -8.43 -10.55 -13.29
C MET A 199 -7.34 -10.43 -14.34
N GLY A 200 -6.09 -10.71 -13.94
CA GLY A 200 -4.94 -10.67 -14.83
C GLY A 200 -5.01 -11.75 -15.88
N LYS A 201 -5.49 -12.94 -15.49
CA LYS A 201 -5.65 -14.10 -16.38
C LYS A 201 -6.78 -13.90 -17.39
N CYS A 202 -7.87 -13.22 -16.96
CA CYS A 202 -9.04 -12.96 -17.81
C CYS A 202 -8.73 -12.05 -19.00
N HIS A 203 -8.98 -12.57 -20.21
CA HIS A 203 -8.81 -11.92 -21.51
C HIS A 203 -9.59 -10.58 -21.59
N LEU A 204 -10.86 -10.59 -21.15
CA LEU A 204 -11.78 -9.45 -21.17
C LEU A 204 -11.34 -8.34 -20.24
N GLY A 207 -7.63 -7.38 -18.51
CA GLY A 207 -6.55 -6.90 -19.37
C GLY A 207 -6.28 -5.41 -19.27
N LYS A 208 -7.36 -4.59 -19.10
CA LYS A 208 -7.32 -3.13 -18.97
C LYS A 208 -7.48 -2.65 -17.50
N GLN A 209 -8.46 -3.22 -16.75
CA GLN A 209 -8.70 -2.89 -15.34
C GLN A 209 -7.88 -3.79 -14.40
N ALA A 210 -7.39 -3.23 -13.29
CA ALA A 210 -6.58 -3.98 -12.32
C ALA A 210 -6.91 -3.63 -10.88
N LEU A 211 -7.04 -4.64 -10.03
CA LEU A 211 -7.28 -4.48 -8.59
C LEU A 211 -6.06 -3.86 -7.92
N GLU A 212 -6.30 -2.98 -6.94
CA GLU A 212 -5.21 -2.48 -6.13
C GLU A 212 -5.44 -2.84 -4.66
N ILE A 213 -4.45 -3.47 -4.04
CA ILE A 213 -4.52 -3.89 -2.65
C ILE A 213 -3.57 -3.10 -1.79
N ARG A 214 -4.10 -2.42 -0.79
CA ARG A 214 -3.30 -1.73 0.21
C ARG A 214 -3.50 -2.50 1.54
N SER A 215 -2.44 -2.84 2.22
CA SER A 215 -2.60 -3.61 3.44
C SER A 215 -1.54 -3.38 4.49
N SER A 216 -1.97 -3.21 5.75
CA SER A 216 -1.08 -3.12 6.91
C SER A 216 -1.41 -4.28 7.87
N LEU A 217 -2.26 -5.20 7.43
CA LEU A 217 -2.64 -6.37 8.22
C LEU A 217 -1.41 -7.28 8.60
N SER A 218 -1.20 -7.48 9.91
CA SER A 218 -0.07 -8.24 10.49
C SER A 218 -0.48 -9.56 11.14
N GLU A 219 -1.78 -9.86 11.14
CA GLU A 219 -2.35 -11.07 11.72
C GLU A 219 -3.04 -11.87 10.62
N LYS A 220 -3.07 -13.19 10.73
CA LYS A 220 -3.68 -14.07 9.71
C LYS A 220 -5.21 -14.06 9.82
N ARG A 221 -5.83 -12.89 9.68
CA ARG A 221 -7.28 -12.76 9.80
C ARG A 221 -8.00 -12.91 8.44
N ALA A 222 -9.04 -13.76 8.44
CA ALA A 222 -9.86 -14.16 7.30
C ALA A 222 -11.34 -13.90 7.58
N LEU A 223 -12.12 -13.59 6.54
CA LEU A 223 -13.58 -13.36 6.65
C LEU A 223 -14.30 -14.65 7.12
N THR A 224 -13.59 -15.79 7.08
CA THR A 224 -14.09 -17.11 7.50
C THR A 224 -13.88 -17.39 8.99
N ASP A 225 -13.08 -16.56 9.70
CA ASP A 225 -12.77 -16.75 11.12
C ASP A 225 -14.01 -16.90 11.99
N PRO A 226 -13.98 -17.84 12.97
CA PRO A 226 -15.18 -18.04 13.81
C PRO A 226 -15.39 -16.93 14.84
N ILE A 227 -16.64 -16.70 15.21
CA ILE A 227 -17.00 -15.68 16.20
C ILE A 227 -16.95 -16.29 17.62
N GLN A 228 -16.23 -15.62 18.52
CA GLN A 228 -16.08 -16.03 19.93
C GLN A 228 -17.41 -15.91 20.68
N GLY A 229 -17.52 -16.67 21.77
CA GLY A 229 -18.70 -16.71 22.64
C GLY A 229 -19.19 -15.35 23.11
N THR A 230 -20.50 -15.22 23.30
CA THR A 230 -21.17 -13.98 23.70
C THR A 230 -20.61 -13.31 24.98
N GLU A 231 -20.29 -12.01 24.87
CA GLU A 231 -19.85 -11.10 25.92
C GLU A 231 -21.07 -10.74 26.78
N TYR A 232 -20.87 -10.61 28.09
CA TYR A 232 -21.93 -10.28 29.00
C TYR A 232 -21.74 -8.88 29.59
N GLU A 235 -23.38 -3.60 27.57
CA GLU A 235 -23.10 -2.91 26.31
C GLU A 235 -23.12 -3.86 25.09
N SER A 236 -22.86 -5.17 25.29
CA SER A 236 -22.94 -6.18 24.22
C SER A 236 -24.40 -6.63 24.11
N LEU A 237 -25.14 -6.52 25.23
CA LEU A 237 -26.56 -6.81 25.34
C LEU A 237 -27.34 -5.69 24.62
N VAL A 238 -26.71 -4.51 24.48
CA VAL A 238 -27.24 -3.31 23.85
C VAL A 238 -27.11 -3.48 22.33
N ARG A 239 -25.90 -3.89 21.88
CA ARG A 239 -25.50 -4.11 20.49
C ARG A 239 -26.33 -5.18 19.75
N ASN A 240 -26.66 -6.29 20.45
CA ASN A 240 -27.42 -7.41 19.88
C ASN A 240 -28.94 -7.19 19.87
N LEU A 241 -29.44 -6.33 20.79
CA LEU A 241 -30.87 -5.98 20.83
C LEU A 241 -31.17 -4.93 19.75
N GLN A 242 -30.14 -4.16 19.36
CA GLN A 242 -30.19 -3.14 18.31
C GLN A 242 -30.20 -3.86 16.97
N TRP A 243 -29.42 -4.96 16.88
CA TRP A 243 -29.28 -5.78 15.68
C TRP A 243 -30.56 -6.58 15.34
N ALA A 244 -31.15 -7.26 16.33
CA ALA A 244 -32.35 -8.09 16.21
C ALA A 244 -33.57 -7.24 15.82
N LYS A 245 -33.42 -5.90 15.91
CA LYS A 245 -34.45 -4.93 15.55
C LYS A 245 -34.23 -4.35 14.15
N ALA A 246 -33.11 -4.73 13.48
CA ALA A 246 -32.75 -4.21 12.15
C ALA A 246 -33.51 -4.81 10.96
N HIS A 247 -33.82 -6.11 11.00
CA HIS A 247 -34.43 -6.81 9.88
C HIS A 247 -35.78 -7.45 10.19
N GLU A 248 -36.70 -6.66 10.77
CA GLU A 248 -38.02 -7.17 11.06
C GLU A 248 -38.94 -7.00 9.84
N LEU A 249 -39.48 -8.12 9.36
CA LEU A 249 -40.32 -8.12 8.19
C LEU A 249 -41.76 -8.24 8.64
N PRO A 250 -42.67 -7.40 8.07
CA PRO A 250 -44.07 -7.48 8.49
C PRO A 250 -44.66 -8.85 8.22
N GLU A 251 -45.58 -9.27 9.12
CA GLU A 251 -46.26 -10.54 9.05
C GLU A 251 -47.32 -10.41 7.96
N SER A 252 -47.46 -11.46 7.15
CA SER A 252 -48.45 -11.57 6.08
C SER A 252 -49.83 -11.42 6.72
N MET A 253 -50.62 -10.44 6.25
CA MET A 253 -51.96 -10.18 6.78
C MET A 253 -53.06 -10.38 5.76
N CYS A 254 -54.15 -11.04 6.20
CA CYS A 254 -55.34 -11.28 5.39
C CYS A 254 -56.34 -10.13 5.68
N LEU A 255 -56.92 -9.57 4.60
CA LEU A 255 -57.87 -8.46 4.64
C LEU A 255 -59.27 -8.93 4.31
N LYS A 256 -60.27 -8.36 5.00
CA LYS A 256 -61.67 -8.69 4.77
C LYS A 256 -62.43 -7.43 4.31
N PHE A 257 -63.12 -7.51 3.16
CA PHE A 257 -63.93 -6.39 2.68
C PHE A 257 -65.43 -6.69 2.82
N LYS A 258 -66.28 -5.64 2.82
CA LYS A 258 -67.74 -5.68 3.00
C LYS A 258 -68.50 -6.49 1.92
N CYS A 259 -67.86 -6.77 0.78
CA CYS A 259 -68.44 -7.52 -0.35
C CYS A 259 -68.09 -9.03 -0.28
N GLY A 260 -67.27 -9.39 0.71
CA GLY A 260 -66.83 -10.77 0.95
C GLY A 260 -65.50 -11.14 0.34
N VAL A 261 -64.88 -10.21 -0.40
CA VAL A 261 -63.57 -10.41 -1.04
C VAL A 261 -62.47 -10.46 0.01
N GLN A 262 -61.57 -11.43 -0.13
CA GLN A 262 -60.42 -11.60 0.75
C GLN A 262 -59.10 -11.47 -0.01
N ILE A 263 -58.22 -10.59 0.48
CA ILE A 263 -56.91 -10.34 -0.12
C ILE A 263 -55.82 -10.60 0.89
N GLN A 264 -54.75 -11.30 0.46
CA GLN A 264 -53.57 -11.58 1.26
C GLN A 264 -52.49 -10.57 0.87
N LEU A 265 -52.07 -9.77 1.85
CA LEU A 265 -51.04 -8.75 1.74
C LEU A 265 -49.74 -9.37 2.30
N GLY A 266 -48.72 -9.50 1.45
CA GLY A 266 -47.43 -10.10 1.77
C GLY A 266 -46.24 -9.17 1.62
N PHE A 267 -45.16 -9.45 2.38
CA PHE A 267 -43.93 -8.65 2.44
C PHE A 267 -42.68 -9.51 2.27
N ALA A 268 -41.67 -8.98 1.59
CA ALA A 268 -40.38 -9.66 1.36
C ALA A 268 -39.26 -8.65 1.38
N ALA A 269 -38.10 -9.04 1.96
CA ALA A 269 -36.91 -8.18 2.08
C ALA A 269 -35.98 -8.36 0.91
N GLU A 270 -35.61 -7.25 0.29
CA GLU A 270 -34.67 -7.23 -0.82
C GLU A 270 -33.35 -6.68 -0.28
N PHE A 271 -33.41 -5.61 0.54
CA PHE A 271 -32.26 -4.96 1.15
C PHE A 271 -32.70 -4.47 2.53
N SER A 272 -31.79 -3.89 3.35
CA SER A 272 -32.18 -3.37 4.66
C SER A 272 -33.21 -2.24 4.53
N ASN A 273 -33.20 -1.53 3.39
CA ASN A 273 -34.11 -0.42 3.10
C ASN A 273 -34.99 -0.70 1.88
N VAL A 274 -35.06 -1.97 1.42
CA VAL A 274 -35.90 -2.32 0.27
C VAL A 274 -36.81 -3.51 0.59
N MET A 275 -38.11 -3.25 0.57
CA MET A 275 -39.15 -4.25 0.83
C MET A 275 -40.19 -4.28 -0.30
N ILE A 276 -40.55 -5.51 -0.71
CA ILE A 276 -41.57 -5.82 -1.72
C ILE A 276 -42.88 -6.13 -1.01
N ILE A 277 -43.94 -5.46 -1.42
CA ILE A 277 -45.32 -5.66 -0.97
C ILE A 277 -46.02 -6.37 -2.14
N TYR A 278 -46.75 -7.45 -1.86
CA TYR A 278 -47.47 -8.21 -2.88
C TYR A 278 -48.86 -8.64 -2.40
N THR A 279 -49.89 -8.24 -3.17
CA THR A 279 -51.30 -8.54 -2.90
C THR A 279 -51.75 -9.72 -3.74
N LYS A 280 -52.45 -10.69 -3.12
CA LYS A 280 -53.03 -11.88 -3.76
C LYS A 280 -54.54 -11.89 -3.46
N ILE A 281 -55.38 -11.89 -4.50
CA ILE A 281 -56.83 -11.86 -4.39
C ILE A 281 -57.43 -13.13 -3.76
N ALA A 293 -57.51 -5.38 -6.34
CA ALA A 293 -56.64 -5.23 -5.16
C ALA A 293 -55.31 -4.50 -5.43
N TYR A 294 -55.30 -3.16 -5.19
CA TYR A 294 -54.08 -2.34 -5.33
C TYR A 294 -53.76 -1.52 -4.06
N VAL A 295 -52.47 -1.16 -3.90
CA VAL A 295 -51.95 -0.36 -2.78
C VAL A 295 -51.78 1.12 -3.18
N THR A 296 -52.16 2.06 -2.30
CA THR A 296 -52.02 3.53 -2.50
C THR A 296 -51.87 4.28 -1.17
N ASP A 297 -51.79 5.63 -1.25
CA ASP A 297 -51.72 6.62 -0.14
C ASP A 297 -50.56 6.36 0.85
N PHE A 298 -49.42 5.92 0.31
CA PHE A 298 -48.18 5.65 1.06
C PHE A 298 -47.60 6.97 1.66
N PRO A 299 -46.79 6.95 2.76
CA PRO A 299 -46.19 8.20 3.25
C PRO A 299 -45.40 8.98 2.20
N LEU A 300 -45.51 10.33 2.22
CA LEU A 300 -44.88 11.25 1.25
C LEU A 300 -43.35 11.27 1.35
N ASP A 301 -42.78 10.84 2.49
CA ASP A 301 -41.32 10.76 2.69
C ASP A 301 -40.70 9.63 1.85
N LEU A 302 -41.46 8.52 1.68
CA LEU A 302 -41.12 7.30 0.94
C LEU A 302 -40.94 7.52 -0.57
N ASP A 303 -41.54 8.61 -1.11
CA ASP A 303 -41.53 9.02 -2.52
C ASP A 303 -41.96 7.86 -3.44
N ILE A 304 -43.08 7.21 -3.09
CA ILE A 304 -43.62 6.08 -3.86
C ILE A 304 -44.46 6.62 -5.01
N ASP A 305 -43.87 6.60 -6.21
CA ASP A 305 -44.52 7.04 -7.44
C ASP A 305 -45.59 6.00 -7.80
N PRO A 306 -46.90 6.37 -7.84
CA PRO A 306 -47.96 5.40 -8.14
C PRO A 306 -47.88 4.73 -9.52
N LYS A 307 -47.06 5.28 -10.42
CA LYS A 307 -46.83 4.73 -11.76
C LYS A 307 -45.85 3.54 -11.71
N ASP A 308 -45.09 3.39 -10.60
CA ASP A 308 -44.14 2.29 -10.39
C ASP A 308 -44.68 1.18 -9.48
N ALA A 309 -45.85 1.40 -8.83
CA ALA A 309 -46.52 0.46 -7.93
C ALA A 309 -47.40 -0.48 -8.71
N ASN A 310 -47.86 -1.57 -8.05
CA ASN A 310 -48.82 -2.59 -8.55
C ASN A 310 -48.51 -3.15 -9.95
N LYS A 311 -47.39 -3.90 -10.07
CA LYS A 311 -46.93 -4.51 -11.31
C LYS A 311 -47.27 -6.00 -11.27
N GLY A 312 -47.60 -6.57 -12.42
CA GLY A 312 -47.93 -7.99 -12.52
C GLY A 312 -46.69 -8.87 -12.34
N THR A 313 -45.52 -8.25 -12.47
CA THR A 313 -44.25 -8.97 -12.33
C THR A 313 -43.31 -8.17 -11.39
N PRO A 314 -42.54 -8.86 -10.52
CA PRO A 314 -41.60 -8.15 -9.63
C PRO A 314 -40.42 -7.48 -10.34
N GLU A 315 -40.06 -7.92 -11.56
CA GLU A 315 -38.95 -7.35 -12.34
C GLU A 315 -39.29 -5.94 -12.84
N GLU A 316 -40.57 -5.70 -13.17
CA GLU A 316 -41.11 -4.43 -13.65
C GLU A 316 -40.99 -3.29 -12.64
N THR A 317 -40.99 -3.64 -11.35
CA THR A 317 -40.92 -2.76 -10.18
C THR A 317 -39.48 -2.24 -9.90
N GLY A 318 -38.47 -2.84 -10.58
CA GLY A 318 -37.06 -2.51 -10.45
C GLY A 318 -36.32 -3.40 -9.48
N SER A 319 -36.97 -4.48 -9.09
CA SER A 319 -36.46 -5.45 -8.14
C SER A 319 -35.36 -6.33 -8.70
N TYR A 320 -34.58 -6.91 -7.81
CA TYR A 320 -33.56 -7.88 -8.12
C TYR A 320 -34.31 -9.23 -8.19
N LEU A 321 -35.33 -9.38 -7.32
CA LEU A 321 -36.16 -10.58 -7.20
C LEU A 321 -37.02 -10.78 -8.43
N VAL A 322 -36.85 -11.95 -9.03
CA VAL A 322 -37.53 -12.45 -10.22
C VAL A 322 -38.83 -13.14 -9.74
N SER A 323 -39.80 -13.36 -10.65
CA SER A 323 -41.11 -13.95 -10.37
C SER A 323 -41.09 -15.21 -9.48
N LYS A 324 -40.12 -16.12 -9.71
CA LYS A 324 -40.00 -17.39 -8.98
C LYS A 324 -39.36 -17.26 -7.58
N ASP A 325 -39.06 -16.02 -7.12
CA ASP A 325 -38.50 -15.77 -5.77
C ASP A 325 -39.58 -15.35 -4.77
N CYS A 330 -49.50 -12.61 -8.75
CA CYS A 330 -50.30 -11.54 -8.16
C CYS A 330 -49.79 -10.10 -8.52
N LEU A 331 -49.85 -9.10 -7.59
CA LEU A 331 -49.40 -7.72 -7.81
C LEU A 331 -48.26 -7.29 -6.85
N TYR A 332 -47.21 -6.65 -7.41
CA TYR A 332 -45.98 -6.29 -6.71
C TYR A 332 -45.65 -4.78 -6.67
N THR A 333 -45.28 -4.27 -5.47
CA THR A 333 -44.88 -2.89 -5.20
C THR A 333 -43.55 -2.89 -4.40
N ARG A 334 -42.58 -2.08 -4.84
CA ARG A 334 -41.24 -1.97 -4.23
C ARG A 334 -41.09 -0.67 -3.45
N LEU A 335 -40.85 -0.79 -2.13
CA LEU A 335 -40.60 0.37 -1.26
C LEU A 335 -39.12 0.35 -1.03
N SER A 336 -38.38 1.15 -1.80
CA SER A 336 -36.92 1.19 -1.84
C SER A 336 -36.25 2.25 -0.96
N SER A 337 -37.05 3.06 -0.21
CA SER A 337 -36.50 4.12 0.62
C SER A 337 -36.93 4.05 2.08
N LEU A 338 -36.92 2.85 2.68
CA LEU A 338 -37.32 2.65 4.09
C LEU A 338 -36.54 3.53 5.09
N GLN A 339 -35.32 4.01 4.73
CA GLN A 339 -34.50 4.87 5.60
C GLN A 339 -35.09 6.29 5.76
N LYS A 340 -35.96 6.70 4.80
CA LYS A 340 -36.65 7.99 4.78
C LYS A 340 -37.90 7.98 5.68
N LEU A 341 -38.31 6.79 6.15
CA LEU A 341 -39.50 6.65 7.00
C LEU A 341 -39.22 7.09 8.44
N LYS A 342 -39.80 8.25 8.82
CA LYS A 342 -39.67 8.83 10.16
C LYS A 342 -40.76 8.26 11.11
N GLU A 343 -42.02 8.15 10.62
CA GLU A 343 -43.15 7.60 11.38
C GLU A 343 -43.44 6.12 11.00
N GLU A 344 -44.67 5.61 11.30
CA GLU A 344 -45.10 4.25 11.00
C GLU A 344 -45.56 4.12 9.54
N LEU A 345 -45.32 2.95 8.92
CA LEU A 345 -45.77 2.65 7.57
C LEU A 345 -47.28 2.35 7.56
N VAL A 346 -48.05 3.37 7.19
CA VAL A 346 -49.50 3.29 7.11
C VAL A 346 -49.94 3.77 5.71
N PHE A 347 -50.70 2.90 5.01
CA PHE A 347 -51.19 3.09 3.64
C PHE A 347 -52.54 2.38 3.43
N THR A 348 -53.17 2.65 2.26
CA THR A 348 -54.46 2.10 1.88
C THR A 348 -54.35 0.90 0.91
N VAL A 349 -55.33 -0.01 1.00
CA VAL A 349 -55.51 -1.15 0.11
C VAL A 349 -56.91 -0.97 -0.51
N CYS A 350 -56.90 -0.50 -1.76
CA CYS A 350 -58.11 -0.20 -2.50
C CYS A 350 -58.57 -1.35 -3.37
N LEU A 351 -59.89 -1.52 -3.42
CA LEU A 351 -60.57 -2.56 -4.17
C LEU A 351 -61.67 -1.90 -5.00
N SER A 352 -61.46 -1.82 -6.34
CA SER A 352 -62.42 -1.23 -7.28
C SER A 352 -63.57 -2.16 -7.56
N GLU A 363 -66.63 0.97 -5.06
CA GLU A 363 -65.27 1.40 -4.76
C GLU A 363 -65.00 1.45 -3.23
N ASP A 364 -64.11 0.57 -2.74
CA ASP A 364 -63.78 0.54 -1.31
C ASP A 364 -62.28 0.67 -0.99
N LYS A 365 -61.98 1.23 0.19
CA LYS A 365 -60.65 1.49 0.72
C LYS A 365 -60.49 1.01 2.17
N GLN A 366 -59.31 0.47 2.50
CA GLN A 366 -58.99 0.01 3.85
C GLN A 366 -57.55 0.35 4.21
N GLU A 367 -57.37 1.04 5.33
CA GLU A 367 -56.07 1.46 5.87
C GLU A 367 -55.38 0.28 6.54
N VAL A 368 -54.04 0.26 6.47
CA VAL A 368 -53.18 -0.79 7.02
C VAL A 368 -52.01 -0.12 7.74
N ASN A 369 -51.71 -0.50 9.02
CA ASN A 369 -50.52 -0.02 9.75
C ASN A 369 -49.55 -1.20 9.92
N VAL A 370 -48.40 -1.12 9.22
CA VAL A 370 -47.37 -2.16 9.16
C VAL A 370 -46.11 -1.81 10.03
N GLY A 371 -46.23 -0.80 10.89
CA GLY A 371 -45.17 -0.35 11.80
C GLY A 371 -43.95 0.18 11.09
N LYS A 372 -42.75 -0.04 11.66
CA LYS A 372 -41.49 0.40 11.05
C LYS A 372 -40.73 -0.82 10.50
N PRO A 373 -40.91 -1.16 9.18
CA PRO A 373 -40.27 -2.36 8.65
C PRO A 373 -38.78 -2.22 8.37
N LEU A 374 -38.08 -3.36 8.54
CA LEU A 374 -36.65 -3.50 8.37
C LEU A 374 -35.88 -2.32 9.01
N ILE A 375 -34.88 -1.70 8.31
CA ILE A 375 -34.02 -0.64 8.83
C ILE A 375 -34.77 0.65 9.30
N ALA A 376 -36.08 0.83 8.96
CA ALA A 376 -36.85 1.97 9.48
C ALA A 376 -36.99 1.87 11.03
N LYS A 377 -37.06 0.62 11.59
CA LYS A 377 -37.16 0.31 13.01
C LYS A 377 -36.03 0.94 13.89
N LEU A 378 -34.82 1.11 13.32
CA LEU A 378 -33.75 1.82 14.03
C LEU A 378 -33.90 3.27 13.59
N ASP A 379 -33.92 4.21 14.53
CA ASP A 379 -34.06 5.60 14.14
C ASP A 379 -32.68 6.10 13.71
N MET A 380 -32.27 5.81 12.47
CA MET A 380 -30.96 6.23 11.94
C MET A 380 -30.91 7.76 11.83
N HIS A 381 -32.09 8.39 11.57
CA HIS A 381 -32.26 9.84 11.46
C HIS A 381 -31.79 10.60 12.72
N ARG A 382 -31.90 9.97 13.93
CA ARG A 382 -31.48 10.51 15.23
C ARG A 382 -29.98 10.93 15.34
N HIS A 383 -29.13 10.49 14.39
CA HIS A 383 -27.69 10.82 14.40
C HIS A 383 -27.38 12.22 13.87
N MET B 1 7.06 -17.58 -13.64
CA MET B 1 7.23 -16.53 -14.62
C MET B 1 8.72 -16.32 -14.98
N LEU B 2 8.98 -15.55 -16.06
CA LEU B 2 10.34 -15.25 -16.53
C LEU B 2 10.65 -13.76 -16.54
N ALA B 3 11.92 -13.45 -16.25
CA ALA B 3 12.49 -12.11 -16.24
C ALA B 3 13.51 -11.98 -17.40
N LYS B 4 13.50 -10.86 -18.14
CA LYS B 4 14.49 -10.66 -19.22
C LYS B 4 15.84 -10.32 -18.61
N ASP B 5 15.78 -9.75 -17.40
CA ASP B 5 16.90 -9.34 -16.57
C ASP B 5 16.37 -9.00 -15.19
N LYS B 6 17.25 -9.03 -14.17
CA LYS B 6 16.91 -8.67 -12.81
C LYS B 6 17.94 -7.67 -12.36
N VAL B 7 17.47 -6.43 -12.17
CA VAL B 7 18.26 -5.26 -11.88
C VAL B 7 17.76 -4.62 -10.57
N ALA B 8 18.66 -4.03 -9.76
CA ALA B 8 18.31 -3.35 -8.51
C ALA B 8 19.23 -2.19 -8.15
N LEU B 9 18.63 -1.08 -7.70
CA LEU B 9 19.33 0.11 -7.23
C LEU B 9 19.01 0.30 -5.76
N LEU B 10 20.06 0.34 -4.93
CA LEU B 10 19.96 0.46 -3.49
C LEU B 10 20.68 1.74 -3.04
N ILE B 11 19.92 2.68 -2.44
CA ILE B 11 20.45 3.94 -1.90
C ILE B 11 20.31 3.98 -0.35
N GLY B 12 21.43 4.22 0.32
CA GLY B 12 21.47 4.32 1.77
C GLY B 12 22.03 5.64 2.22
N ASN B 13 21.16 6.60 2.60
CA ASN B 13 21.60 7.92 3.06
C ASN B 13 21.71 8.00 4.57
N MET B 14 22.87 8.45 5.07
CA MET B 14 23.18 8.54 6.51
C MET B 14 23.88 9.84 6.93
N ASN B 15 24.94 10.19 6.22
CA ASN B 15 25.75 11.34 6.57
C ASN B 15 25.26 12.60 5.85
N TYR B 16 24.21 13.19 6.43
CA TYR B 16 23.53 14.42 6.04
C TYR B 16 24.26 15.61 6.65
N ARG B 17 24.54 16.69 5.87
CA ARG B 17 25.26 17.83 6.45
C ARG B 17 24.37 18.81 7.20
N GLU B 18 23.05 18.75 7.00
CA GLU B 18 22.12 19.69 7.65
C GLU B 18 20.99 18.99 8.42
N HIS B 19 21.06 17.64 8.56
CA HIS B 19 20.03 16.86 9.24
C HIS B 19 20.63 15.79 10.17
N PRO B 20 19.88 15.28 11.21
CA PRO B 20 20.46 14.26 12.10
C PRO B 20 20.93 13.03 11.33
N LYS B 21 22.05 12.48 11.75
CA LYS B 21 22.66 11.37 11.05
C LYS B 21 21.98 10.02 11.35
N LEU B 22 22.05 9.08 10.40
CA LEU B 22 21.46 7.74 10.51
C LEU B 22 22.50 6.63 10.62
N LYS B 23 22.06 5.41 10.96
CA LYS B 23 22.96 4.30 11.21
C LYS B 23 22.62 3.01 10.48
N ALA B 24 21.33 2.62 10.53
CA ALA B 24 20.74 1.41 9.93
C ALA B 24 20.94 1.30 8.40
N PRO B 25 20.88 2.38 7.57
CA PRO B 25 21.10 2.20 6.11
C PRO B 25 22.40 1.52 5.71
N LEU B 26 23.49 1.67 6.49
CA LEU B 26 24.78 1.00 6.24
C LEU B 26 24.65 -0.54 6.21
N VAL B 27 24.12 -1.13 7.28
CA VAL B 27 23.98 -2.58 7.44
C VAL B 27 22.86 -3.14 6.56
N ASP B 28 21.74 -2.41 6.43
CA ASP B 28 20.59 -2.82 5.63
C ASP B 28 20.87 -2.89 4.14
N VAL B 29 21.53 -1.85 3.56
CA VAL B 29 21.90 -1.82 2.13
C VAL B 29 22.92 -2.93 1.84
N TYR B 30 23.93 -3.10 2.74
CA TYR B 30 24.96 -4.12 2.59
C TYR B 30 24.33 -5.52 2.57
N GLU B 31 23.43 -5.76 3.50
CA GLU B 31 22.81 -7.06 3.65
C GLU B 31 21.83 -7.36 2.53
N LEU B 32 21.06 -6.36 2.07
CA LEU B 32 20.13 -6.51 0.96
C LEU B 32 20.88 -6.75 -0.36
N THR B 33 22.04 -6.10 -0.56
CA THR B 33 22.91 -6.30 -1.71
C THR B 33 23.27 -7.80 -1.82
N ASN B 34 23.77 -8.40 -0.72
CA ASN B 34 24.14 -9.80 -0.67
C ASN B 34 23.02 -10.75 -1.08
N LEU B 35 21.86 -10.63 -0.43
CA LEU B 35 20.67 -11.43 -0.71
C LEU B 35 20.20 -11.25 -2.15
N LEU B 36 20.13 -9.99 -2.64
CA LEU B 36 19.70 -9.75 -4.01
C LEU B 36 20.66 -10.34 -5.04
N ARG B 37 21.99 -10.24 -4.79
CA ARG B 37 23.01 -10.87 -5.64
C ARG B 37 22.82 -12.39 -5.68
N GLN B 38 22.47 -13.01 -4.53
CA GLN B 38 22.15 -14.43 -4.38
C GLN B 38 20.88 -14.83 -5.15
N LEU B 39 20.09 -13.85 -5.62
CA LEU B 39 18.88 -14.07 -6.41
C LEU B 39 19.17 -13.68 -7.87
N ASP B 40 20.45 -13.64 -8.24
CA ASP B 40 20.95 -13.35 -9.59
C ASP B 40 20.53 -11.95 -10.12
N PHE B 41 20.47 -10.97 -9.20
CA PHE B 41 20.19 -9.57 -9.52
C PHE B 41 21.52 -8.87 -9.75
N LYS B 42 21.57 -7.96 -10.73
CA LYS B 42 22.70 -7.05 -10.91
C LYS B 42 22.34 -5.91 -9.93
N VAL B 43 23.17 -5.70 -8.92
CA VAL B 43 22.89 -4.74 -7.87
C VAL B 43 23.87 -3.57 -7.90
N VAL B 44 23.37 -2.35 -7.73
CA VAL B 44 24.18 -1.16 -7.58
C VAL B 44 23.83 -0.57 -6.19
N SER B 45 24.75 -0.70 -5.22
CA SER B 45 24.58 -0.22 -3.84
C SER B 45 25.34 1.06 -3.60
N LEU B 46 24.62 2.16 -3.40
CA LEU B 46 25.21 3.47 -3.23
C LEU B 46 24.88 4.11 -1.89
N LEU B 47 25.93 4.52 -1.17
CA LEU B 47 25.82 5.17 0.12
C LEU B 47 26.02 6.67 -0.02
N ASP B 48 25.23 7.47 0.75
CA ASP B 48 25.33 8.92 0.86
C ASP B 48 25.36 9.68 -0.48
N LEU B 49 24.21 9.71 -1.17
CA LEU B 49 24.11 10.45 -2.43
C LEU B 49 23.51 11.86 -2.27
N THR B 50 23.93 12.78 -3.14
CA THR B 50 23.44 14.16 -3.17
C THR B 50 22.20 14.19 -4.10
N GLU B 51 21.50 15.34 -4.19
CA GLU B 51 20.34 15.49 -5.08
C GLU B 51 20.71 15.15 -6.52
N TYR B 52 21.82 15.73 -7.01
CA TYR B 52 22.41 15.53 -8.34
C TYR B 52 22.70 14.02 -8.56
N GLU B 53 23.45 13.39 -7.65
CA GLU B 53 23.78 11.97 -7.70
C GLU B 53 22.55 11.07 -7.69
N MET B 54 21.62 11.25 -6.73
CA MET B 54 20.37 10.49 -6.61
C MET B 54 19.47 10.59 -7.87
N ARG B 55 19.31 11.80 -8.45
CA ARG B 55 18.48 12.03 -9.65
C ARG B 55 19.06 11.34 -10.85
N ASN B 56 20.40 11.42 -10.97
CA ASN B 56 21.18 10.80 -12.03
C ASN B 56 21.08 9.27 -11.95
N ALA B 57 21.46 8.66 -10.81
CA ALA B 57 21.38 7.23 -10.55
C ALA B 57 19.98 6.68 -10.85
N VAL B 58 18.91 7.37 -10.38
CA VAL B 58 17.53 6.95 -10.64
C VAL B 58 17.18 7.11 -12.13
N ASP B 59 17.59 8.22 -12.80
CA ASP B 59 17.36 8.42 -14.25
C ASP B 59 17.90 7.22 -15.06
N GLU B 60 19.19 6.85 -14.83
CA GLU B 60 19.86 5.70 -15.46
C GLU B 60 19.16 4.35 -15.13
N PHE B 61 18.82 4.12 -13.83
CA PHE B 61 18.17 2.88 -13.42
C PHE B 61 16.82 2.66 -14.17
N LEU B 62 16.06 3.76 -14.43
CA LEU B 62 14.79 3.72 -15.18
C LEU B 62 15.05 3.24 -16.60
N LEU B 63 16.14 3.77 -17.23
CA LEU B 63 16.61 3.44 -18.57
C LEU B 63 16.84 1.92 -18.72
N LEU B 64 17.55 1.31 -17.74
CA LEU B 64 17.94 -0.12 -17.65
C LEU B 64 16.80 -1.07 -17.81
N LEU B 65 15.60 -0.64 -17.44
CA LEU B 65 14.39 -1.43 -17.52
C LEU B 65 13.95 -1.49 -18.99
N ASP B 66 13.67 -2.71 -19.47
CA ASP B 66 13.17 -2.95 -20.81
C ASP B 66 11.93 -3.80 -20.63
N LYS B 67 11.31 -4.29 -21.71
CA LYS B 67 10.13 -5.13 -21.55
C LYS B 67 10.51 -6.40 -20.78
N GLY B 68 9.71 -6.73 -19.77
CA GLY B 68 9.88 -7.93 -18.94
C GLY B 68 11.01 -7.96 -17.93
N VAL B 69 11.73 -6.84 -17.76
CA VAL B 69 12.83 -6.72 -16.81
C VAL B 69 12.25 -6.57 -15.41
N TYR B 70 12.93 -7.15 -14.39
CA TYR B 70 12.48 -7.03 -13.01
C TYR B 70 13.37 -5.96 -12.39
N GLY B 71 12.74 -4.88 -11.96
CA GLY B 71 13.45 -3.77 -11.35
C GLY B 71 13.03 -3.58 -9.93
N LEU B 72 14.03 -3.50 -9.04
CA LEU B 72 13.80 -3.27 -7.62
C LEU B 72 14.54 -2.01 -7.21
N LEU B 73 13.80 -1.10 -6.54
CA LEU B 73 14.37 0.12 -5.98
C LEU B 73 14.24 0.10 -4.46
N TYR B 74 15.36 0.25 -3.75
CA TYR B 74 15.40 0.29 -2.30
C TYR B 74 16.05 1.56 -1.80
N TYR B 75 15.35 2.27 -0.91
CA TYR B 75 15.87 3.46 -0.28
C TYR B 75 15.78 3.35 1.24
N ALA B 76 16.88 3.71 1.91
CA ALA B 76 16.99 3.80 3.35
C ALA B 76 17.63 5.16 3.66
N GLY B 77 16.92 5.98 4.39
CA GLY B 77 17.38 7.31 4.74
C GLY B 77 16.24 8.17 5.26
N HIS B 78 16.44 9.50 5.26
CA HIS B 78 15.40 10.44 5.64
C HIS B 78 14.34 10.52 4.53
N GLY B 79 13.09 10.56 4.95
CA GLY B 79 11.98 10.61 4.02
C GLY B 79 10.77 11.26 4.60
N TYR B 80 9.80 11.57 3.74
CA TYR B 80 8.52 12.14 4.18
C TYR B 80 7.40 11.79 3.21
N GLU B 81 6.15 11.95 3.67
CA GLU B 81 4.96 11.69 2.88
C GLU B 81 3.97 12.83 3.03
N ASN B 82 3.79 13.58 1.95
CA ASN B 82 2.85 14.72 1.92
C ASN B 82 1.78 14.40 0.89
N PHE B 83 0.52 14.37 1.37
CA PHE B 83 -0.71 14.19 0.58
C PHE B 83 -0.64 13.06 -0.47
N GLY B 84 -0.25 11.88 0.01
CA GLY B 84 -0.14 10.68 -0.80
C GLY B 84 1.24 10.45 -1.38
N ASN B 85 1.97 11.55 -1.66
CA ASN B 85 3.30 11.53 -2.29
C ASN B 85 4.44 11.32 -1.31
N SER B 86 5.34 10.37 -1.63
CA SER B 86 6.54 10.01 -0.86
C SER B 86 7.79 10.65 -1.45
N PHE B 87 8.69 11.15 -0.55
CA PHE B 87 9.92 11.83 -0.96
C PHE B 87 11.17 11.37 -0.23
N MET B 88 12.25 11.19 -0.98
CA MET B 88 13.55 10.73 -0.49
C MET B 88 14.49 11.90 -0.38
N VAL B 89 15.07 12.10 0.82
CA VAL B 89 15.92 13.23 1.16
C VAL B 89 17.42 12.95 0.89
N PRO B 90 18.04 13.70 -0.07
CA PRO B 90 19.50 13.55 -0.32
C PRO B 90 20.35 14.03 0.86
N VAL B 91 21.66 13.68 0.87
CA VAL B 91 22.52 14.06 2.00
C VAL B 91 22.90 15.57 1.99
N ASP B 92 22.87 16.22 0.81
CA ASP B 92 23.23 17.63 0.68
C ASP B 92 22.02 18.56 0.85
N ALA B 93 20.81 17.98 1.07
CA ALA B 93 19.55 18.69 1.24
C ALA B 93 19.61 19.81 2.28
N PRO B 94 19.10 21.01 1.97
CA PRO B 94 19.13 22.10 2.97
C PRO B 94 18.21 21.88 4.16
N ASN B 95 18.23 22.84 5.12
CA ASN B 95 17.38 22.85 6.30
C ASN B 95 16.60 24.16 6.34
N PRO B 96 15.27 24.17 6.06
CA PRO B 96 14.39 23.02 5.75
C PRO B 96 14.44 22.56 4.30
N TYR B 97 14.02 21.34 4.04
CA TYR B 97 13.99 20.85 2.66
C TYR B 97 12.58 20.88 2.09
N ARG B 98 12.47 21.04 0.76
CA ARG B 98 11.22 21.05 0.02
C ARG B 98 11.25 19.98 -1.06
N SER B 99 10.13 19.76 -1.78
CA SER B 99 10.02 18.76 -2.83
C SER B 99 11.07 18.93 -3.95
N GLU B 100 11.37 20.20 -4.33
CA GLU B 100 12.37 20.55 -5.37
C GLU B 100 13.80 20.12 -5.00
N ASN B 101 14.04 19.83 -3.70
CA ASN B 101 15.31 19.37 -3.13
C ASN B 101 15.32 17.84 -3.03
N CYS B 102 14.15 17.24 -2.91
CA CYS B 102 13.96 15.79 -2.73
C CYS B 102 13.52 15.09 -4.01
N LEU B 103 13.56 13.75 -4.01
CA LEU B 103 13.15 12.90 -5.13
C LEU B 103 11.81 12.27 -4.81
N CYS B 104 10.79 12.51 -5.65
CA CYS B 104 9.41 12.01 -5.49
C CYS B 104 9.27 10.60 -6.07
N VAL B 105 8.80 9.62 -5.25
CA VAL B 105 8.65 8.22 -5.70
C VAL B 105 7.54 8.08 -6.78
N GLN B 106 6.46 8.90 -6.68
CA GLN B 106 5.32 8.90 -7.62
C GLN B 106 5.73 9.32 -9.05
N ASN B 107 6.93 9.90 -9.19
CA ASN B 107 7.55 10.34 -10.44
C ASN B 107 8.31 9.19 -11.05
N ILE B 108 9.24 8.57 -10.28
CA ILE B 108 10.07 7.42 -10.67
C ILE B 108 9.18 6.35 -11.27
N LEU B 109 8.08 6.03 -10.57
CA LEU B 109 7.03 5.11 -10.96
C LEU B 109 6.62 5.28 -12.44
N LYS B 110 6.11 6.50 -12.81
CA LYS B 110 5.69 6.88 -14.17
C LYS B 110 6.71 6.57 -15.28
N LEU B 111 8.01 6.74 -14.98
CA LEU B 111 9.13 6.52 -15.90
C LEU B 111 9.57 5.04 -16.01
N MET B 112 9.17 4.18 -15.03
CA MET B 112 9.47 2.73 -15.04
C MET B 112 8.58 2.08 -16.13
N GLN B 113 7.28 2.50 -16.19
CA GLN B 113 6.21 2.04 -17.09
C GLN B 113 6.57 2.23 -18.56
N GLU B 114 7.09 3.44 -18.90
CA GLU B 114 7.51 3.88 -20.25
C GLU B 114 8.67 3.03 -20.80
N LYS B 115 9.12 2.06 -19.99
CA LYS B 115 10.18 1.12 -20.31
C LYS B 115 9.66 -0.34 -20.38
N GLU B 116 8.31 -0.51 -20.36
CA GLU B 116 7.54 -1.77 -20.50
C GLU B 116 7.88 -2.92 -19.51
N THR B 117 8.47 -2.60 -18.33
CA THR B 117 8.92 -3.52 -17.25
C THR B 117 8.01 -4.73 -16.93
N GLY B 118 8.61 -5.79 -16.36
CA GLY B 118 7.93 -7.03 -16.01
C GLY B 118 7.45 -7.07 -14.58
N LEU B 119 8.18 -6.39 -13.68
CA LEU B 119 7.87 -6.25 -12.25
C LEU B 119 8.62 -5.06 -11.73
N ASN B 120 7.92 -4.18 -11.00
CA ASN B 120 8.50 -2.98 -10.37
C ASN B 120 8.26 -3.10 -8.88
N VAL B 121 9.35 -3.21 -8.10
CA VAL B 121 9.32 -3.33 -6.64
C VAL B 121 9.98 -2.10 -6.03
N PHE B 122 9.28 -1.44 -5.12
CA PHE B 122 9.78 -0.27 -4.40
C PHE B 122 9.74 -0.58 -2.94
N LEU B 123 10.93 -0.66 -2.31
CA LEU B 123 11.10 -0.90 -0.87
C LEU B 123 11.60 0.38 -0.21
N LEU B 124 10.70 1.06 0.51
CA LEU B 124 10.94 2.36 1.13
C LEU B 124 11.08 2.25 2.63
N ASP B 125 12.33 2.33 3.07
CA ASP B 125 12.75 2.21 4.45
C ASP B 125 13.04 3.62 4.99
N MET B 126 11.95 4.28 5.37
CA MET B 126 11.98 5.66 5.81
C MET B 126 10.70 5.97 6.54
N CYS B 127 10.70 7.13 7.21
CA CYS B 127 9.56 7.66 7.94
CA CYS B 127 9.61 7.76 7.96
C CYS B 127 8.58 8.26 6.94
N ARG B 128 7.28 8.17 7.25
CA ARG B 128 6.24 8.66 6.36
C ARG B 128 5.43 9.79 6.96
N LYS B 129 6.07 10.62 7.78
CA LYS B 129 5.41 11.76 8.40
C LYS B 129 5.36 12.93 7.40
N ARG B 130 4.47 13.91 7.62
CA ARG B 130 4.36 15.05 6.73
C ARG B 130 5.48 16.07 6.97
N ASN B 131 5.83 16.82 5.92
CA ASN B 131 6.79 17.91 5.98
C ASN B 131 5.96 19.21 5.89
N ASP B 132 5.83 19.90 7.03
CA ASP B 132 5.09 21.14 7.18
C ASP B 132 5.64 22.31 6.34
N TYR B 133 6.90 22.22 5.91
CA TYR B 133 7.58 23.23 5.09
C TYR B 133 7.28 23.10 3.59
N ASP B 134 6.76 21.94 3.14
CA ASP B 134 6.46 21.73 1.74
C ASP B 134 5.09 22.32 1.40
N ASP B 135 5.09 23.60 0.97
CA ASP B 135 3.91 24.37 0.60
C ASP B 135 3.60 24.23 -0.91
N THR B 136 3.86 23.00 -1.43
CA THR B 136 3.65 22.57 -2.81
C THR B 136 3.21 21.12 -2.81
N ILE B 137 2.14 20.83 -3.57
CA ILE B 137 1.56 19.49 -3.68
C ILE B 137 1.58 19.09 -5.17
N PRO B 138 2.50 18.20 -5.58
CA PRO B 138 2.52 17.77 -7.00
C PRO B 138 1.29 16.94 -7.36
N ILE B 139 0.76 17.17 -8.57
CA ILE B 139 -0.36 16.42 -9.15
C ILE B 139 0.17 15.79 -10.44
N LEU B 140 0.37 14.47 -10.42
CA LEU B 140 0.91 13.68 -11.53
C LEU B 140 -0.19 13.08 -12.39
N ASP B 141 0.08 12.94 -13.71
CA ASP B 141 -0.85 12.35 -14.68
C ASP B 141 -1.16 10.90 -14.34
N ALA B 142 -2.42 10.49 -14.58
CA ALA B 142 -3.01 9.18 -14.31
C ALA B 142 -2.00 8.03 -14.35
N LEU B 143 -1.86 7.30 -13.20
CA LEU B 143 -0.98 6.15 -13.02
C LEU B 143 -1.33 5.14 -14.10
N LYS B 144 -0.36 4.79 -14.96
CA LYS B 144 -0.57 3.83 -16.05
C LYS B 144 -0.76 2.42 -15.49
N VAL B 145 -1.89 1.79 -15.86
CA VAL B 145 -2.28 0.44 -15.45
C VAL B 145 -1.31 -0.57 -16.08
N THR B 146 -0.16 -0.76 -15.42
CA THR B 146 0.84 -1.73 -15.87
C THR B 146 0.62 -3.04 -15.12
N ALA B 147 -0.12 -2.96 -13.96
CA ALA B 147 -0.51 -4.06 -13.07
C ALA B 147 0.68 -4.93 -12.67
N ASN B 148 1.79 -4.28 -12.36
CA ASN B 148 3.02 -4.98 -12.00
C ASN B 148 3.88 -4.18 -11.01
N ILE B 149 3.26 -3.27 -10.24
CA ILE B 149 3.94 -2.44 -9.24
C ILE B 149 3.65 -2.93 -7.85
N VAL B 150 4.70 -3.16 -7.09
CA VAL B 150 4.63 -3.57 -5.68
C VAL B 150 5.41 -2.58 -4.80
N PHE B 151 4.71 -1.97 -3.85
CA PHE B 151 5.30 -1.06 -2.87
C PHE B 151 5.34 -1.73 -1.50
N GLY B 152 6.51 -1.67 -0.87
CA GLY B 152 6.70 -2.18 0.48
C GLY B 152 7.24 -1.07 1.33
N TYR B 153 6.41 -0.49 2.17
CA TYR B 153 6.76 0.61 3.07
C TYR B 153 7.09 0.02 4.41
N ALA B 154 8.26 0.44 5.01
CA ALA B 154 8.77 0.00 6.32
C ALA B 154 7.74 0.24 7.41
N THR B 155 6.98 1.34 7.28
CA THR B 155 5.97 1.79 8.23
C THR B 155 4.74 2.34 7.52
N CYS B 156 3.77 2.78 8.30
CA CYS B 156 2.52 3.36 7.86
C CYS B 156 2.60 4.88 7.74
N GLN B 157 1.67 5.42 6.94
CA GLN B 157 1.50 6.85 6.69
C GLN B 157 1.27 7.60 8.00
N GLY B 158 2.08 8.65 8.20
CA GLY B 158 2.04 9.51 9.38
C GLY B 158 2.79 8.94 10.56
N ALA B 159 3.40 7.75 10.39
CA ALA B 159 4.19 7.09 11.44
C ALA B 159 5.68 7.04 11.08
N GLU B 160 6.51 6.56 12.04
CA GLU B 160 7.97 6.44 11.95
C GLU B 160 8.51 5.03 11.75
N ALA B 161 9.75 4.94 11.21
CA ALA B 161 10.51 3.70 10.97
C ALA B 161 11.64 3.65 12.03
N PHE B 162 11.65 2.60 12.87
CA PHE B 162 12.65 2.44 13.95
C PHE B 162 13.69 1.32 13.70
N GLU B 163 14.86 1.42 14.37
CA GLU B 163 16.01 0.49 14.29
C GLU B 163 15.88 -0.59 15.36
N LEU B 169 26.36 -2.80 15.06
CA LEU B 169 26.02 -2.93 13.66
C LEU B 169 24.70 -3.71 13.51
N ALA B 170 23.60 -3.09 13.98
CA ALA B 170 22.27 -3.70 13.94
C ALA B 170 21.39 -3.19 12.79
N ASN B 171 20.51 -4.08 12.29
CA ASN B 171 19.52 -3.79 11.24
C ASN B 171 18.40 -2.90 11.76
N GLY B 172 17.73 -2.23 10.83
CA GLY B 172 16.48 -1.54 11.09
C GLY B 172 15.43 -2.64 11.18
N ILE B 173 14.29 -2.35 11.83
CA ILE B 173 13.19 -3.30 12.05
C ILE B 173 12.70 -3.96 10.73
N PHE B 174 12.57 -3.17 9.66
CA PHE B 174 12.15 -3.68 8.35
C PHE B 174 13.08 -4.74 7.77
N MET B 175 14.40 -4.47 7.69
CA MET B 175 15.42 -5.39 7.18
C MET B 175 15.64 -6.62 8.06
N LYS B 176 15.58 -6.43 9.39
CA LYS B 176 15.68 -7.52 10.36
C LYS B 176 14.70 -8.62 9.94
N PHE B 177 13.41 -8.27 9.67
CA PHE B 177 12.40 -9.21 9.22
C PHE B 177 12.47 -9.56 7.72
N LEU B 178 12.74 -8.58 6.86
CA LEU B 178 12.83 -8.85 5.42
C LEU B 178 13.98 -9.84 5.03
N LYS B 179 15.18 -9.71 5.64
CA LYS B 179 16.30 -10.60 5.31
C LYS B 179 16.04 -12.09 5.56
N ASP B 180 15.18 -12.44 6.56
CA ASP B 180 14.83 -13.82 6.86
C ASP B 180 13.95 -14.49 5.79
N ARG B 181 13.22 -13.70 5.01
CA ARG B 181 12.29 -14.23 3.99
C ARG B 181 12.62 -13.97 2.52
N LEU B 182 13.44 -12.95 2.21
CA LEU B 182 13.75 -12.53 0.84
C LEU B 182 14.08 -13.64 -0.15
N LEU B 183 14.75 -14.70 0.32
CA LEU B 183 15.20 -15.77 -0.55
C LEU B 183 14.14 -16.85 -0.81
N GLU B 184 12.94 -16.72 -0.24
CA GLU B 184 11.88 -17.70 -0.39
C GLU B 184 11.21 -17.64 -1.76
N ASP B 185 10.88 -18.81 -2.31
CA ASP B 185 10.25 -18.95 -3.61
C ASP B 185 8.74 -18.76 -3.47
N LYS B 186 8.34 -17.50 -3.26
CA LYS B 186 6.95 -17.06 -3.10
C LYS B 186 6.76 -15.74 -3.88
N LYS B 187 5.53 -15.50 -4.36
CA LYS B 187 5.10 -14.29 -5.07
C LYS B 187 5.44 -13.10 -4.12
N ILE B 188 6.07 -12.02 -4.65
CA ILE B 188 6.60 -10.88 -3.88
C ILE B 188 5.55 -10.26 -2.94
N THR B 189 4.27 -10.27 -3.33
CA THR B 189 3.18 -9.78 -2.50
C THR B 189 2.92 -10.74 -1.33
N VAL B 190 2.94 -12.07 -1.61
CA VAL B 190 2.75 -13.12 -0.59
C VAL B 190 3.89 -13.08 0.43
N LEU B 191 5.11 -12.87 -0.07
CA LEU B 191 6.33 -12.76 0.70
C LEU B 191 6.29 -11.52 1.62
N LEU B 192 6.02 -10.34 1.05
CA LEU B 192 5.94 -9.11 1.84
C LEU B 192 4.89 -9.18 2.97
N ASP B 193 3.76 -9.86 2.72
CA ASP B 193 2.63 -10.10 3.63
C ASP B 193 3.06 -10.95 4.84
N GLU B 194 3.89 -11.97 4.59
CA GLU B 194 4.42 -12.86 5.62
C GLU B 194 5.45 -12.14 6.53
N VAL B 195 6.21 -11.19 5.97
CA VAL B 195 7.18 -10.34 6.69
C VAL B 195 6.40 -9.37 7.61
N ALA B 196 5.20 -8.92 7.14
CA ALA B 196 4.27 -8.06 7.88
C ALA B 196 3.77 -8.82 9.09
N GLU B 197 3.46 -10.13 8.91
CA GLU B 197 3.05 -11.06 9.97
C GLU B 197 4.21 -11.27 10.97
N ASP B 198 5.45 -11.49 10.47
CA ASP B 198 6.63 -11.63 11.35
C ASP B 198 6.86 -10.36 12.16
N MET B 199 6.79 -9.18 11.52
CA MET B 199 6.89 -7.89 12.20
C MET B 199 5.84 -7.81 13.32
N GLY B 200 4.64 -8.30 13.05
CA GLY B 200 3.51 -8.33 13.97
C GLY B 200 3.73 -9.14 15.23
N LYS B 201 4.48 -10.25 15.14
CA LYS B 201 4.81 -11.15 16.25
C LYS B 201 5.82 -10.52 17.23
N CYS B 202 6.60 -9.53 16.76
CA CYS B 202 7.64 -8.83 17.52
C CYS B 202 7.08 -7.82 18.52
N HIS B 203 7.48 -7.98 19.79
CA HIS B 203 7.09 -7.17 20.96
C HIS B 203 7.34 -5.66 20.79
N LEU B 204 8.48 -5.30 20.19
CA LEU B 204 8.97 -3.94 19.92
C LEU B 204 8.13 -3.11 18.98
N THR B 205 7.63 -3.72 17.91
CA THR B 205 6.87 -3.10 16.83
C THR B 205 5.45 -2.67 17.20
N LYS B 206 4.73 -3.50 17.99
CA LYS B 206 3.31 -3.30 18.38
C LYS B 206 2.91 -1.84 18.65
N GLY B 207 1.93 -1.37 17.87
CA GLY B 207 1.37 -0.02 17.93
C GLY B 207 2.29 1.10 17.48
N LYS B 208 3.52 0.73 17.02
CA LYS B 208 4.58 1.67 16.63
C LYS B 208 4.98 1.58 15.15
N GLN B 209 5.28 0.36 14.66
CA GLN B 209 5.69 0.11 13.28
C GLN B 209 4.96 -1.10 12.71
N ALA B 210 4.53 -0.96 11.47
CA ALA B 210 3.85 -2.03 10.76
C ALA B 210 4.10 -1.76 9.32
N LEU B 211 4.57 -2.78 8.61
CA LEU B 211 4.81 -2.74 7.18
C LEU B 211 3.49 -2.44 6.44
N GLU B 212 3.54 -1.60 5.39
CA GLU B 212 2.38 -1.34 4.53
C GLU B 212 2.71 -1.75 3.12
N ILE B 213 1.88 -2.62 2.54
CA ILE B 213 2.03 -3.13 1.18
C ILE B 213 0.97 -2.52 0.31
N ARG B 214 1.37 -1.98 -0.88
CA ARG B 214 0.46 -1.44 -1.92
C ARG B 214 0.83 -2.19 -3.19
N SER B 215 -0.11 -2.96 -3.72
CA SER B 215 0.19 -3.77 -4.90
C SER B 215 -0.88 -3.74 -5.97
N SER B 216 -0.46 -3.78 -7.23
CA SER B 216 -1.36 -3.86 -8.38
C SER B 216 -0.92 -5.06 -9.24
N LEU B 217 0.01 -5.90 -8.72
CA LEU B 217 0.53 -7.11 -9.37
C LEU B 217 -0.61 -8.11 -9.62
N SER B 218 -0.87 -8.38 -10.89
CA SER B 218 -1.94 -9.28 -11.32
C SER B 218 -1.36 -10.59 -11.84
N GLU B 219 -0.09 -10.90 -11.56
CA GLU B 219 0.59 -12.11 -12.03
C GLU B 219 1.44 -12.72 -10.91
N LYS B 220 1.71 -14.05 -10.97
CA LYS B 220 2.53 -14.79 -9.99
C LYS B 220 4.00 -14.47 -10.23
N ARG B 221 4.43 -13.26 -9.86
CA ARG B 221 5.83 -12.87 -10.03
C ARG B 221 6.57 -12.84 -8.72
N ALA B 222 7.75 -13.44 -8.70
CA ALA B 222 8.64 -13.53 -7.54
C ALA B 222 10.04 -13.02 -7.89
N LEU B 223 10.82 -12.63 -6.85
CA LEU B 223 12.21 -12.20 -7.02
C LEU B 223 13.11 -13.41 -7.35
N THR B 224 12.56 -14.63 -7.19
CA THR B 224 13.22 -15.92 -7.46
C THR B 224 13.02 -16.42 -8.91
N ASP B 225 12.32 -15.63 -9.75
CA ASP B 225 12.05 -15.97 -11.15
C ASP B 225 13.35 -16.05 -11.98
N PRO B 226 13.54 -17.13 -12.79
CA PRO B 226 14.78 -17.25 -13.58
C PRO B 226 14.89 -16.24 -14.72
N ILE B 227 16.13 -15.88 -15.11
CA ILE B 227 16.35 -14.95 -16.21
C ILE B 227 16.40 -15.67 -17.57
N GLN B 228 15.57 -15.22 -18.53
CA GLN B 228 15.52 -15.71 -19.90
C GLN B 228 15.32 -14.50 -20.81
N GLY B 229 16.22 -14.35 -21.79
CA GLY B 229 16.20 -13.23 -22.74
C GLY B 229 17.12 -12.10 -22.34
N TYR B 232 19.89 -12.74 -24.60
CA TYR B 232 19.26 -12.96 -25.91
C TYR B 232 18.88 -11.65 -26.61
N SER B 233 19.51 -10.52 -26.19
CA SER B 233 19.32 -9.17 -26.73
C SER B 233 20.67 -8.44 -26.82
N ALA B 234 20.81 -7.55 -27.83
CA ALA B 234 22.03 -6.74 -28.03
C ALA B 234 22.20 -5.65 -26.96
N GLU B 235 21.07 -4.99 -26.58
CA GLU B 235 20.98 -3.92 -25.59
C GLU B 235 21.29 -4.40 -24.17
N SER B 236 20.86 -5.65 -23.85
CA SER B 236 21.08 -6.34 -22.57
C SER B 236 22.58 -6.59 -22.35
N LEU B 237 23.28 -6.92 -23.45
CA LEU B 237 24.71 -7.18 -23.47
C LEU B 237 25.50 -5.91 -23.12
N VAL B 238 25.01 -4.74 -23.55
CA VAL B 238 25.59 -3.42 -23.27
C VAL B 238 25.53 -3.13 -21.76
N ARG B 239 24.37 -3.46 -21.12
CA ARG B 239 24.12 -3.31 -19.67
C ARG B 239 24.97 -4.30 -18.89
N ASN B 240 25.13 -5.52 -19.42
CA ASN B 240 25.97 -6.57 -18.84
C ASN B 240 27.46 -6.14 -18.94
N LEU B 241 27.83 -5.43 -20.03
CA LEU B 241 29.18 -4.91 -20.27
C LEU B 241 29.48 -3.74 -19.34
N GLN B 242 28.51 -2.82 -19.16
CA GLN B 242 28.60 -1.66 -18.29
C GLN B 242 28.66 -2.06 -16.82
N TRP B 243 27.84 -3.05 -16.42
CA TRP B 243 27.77 -3.58 -15.06
C TRP B 243 29.04 -4.39 -14.71
N ALA B 244 29.70 -4.97 -15.73
CA ALA B 244 30.93 -5.74 -15.50
C ALA B 244 32.05 -4.77 -15.07
N LYS B 245 32.16 -3.61 -15.77
CA LYS B 245 33.12 -2.51 -15.56
C LYS B 245 32.96 -1.89 -14.17
N ALA B 246 31.68 -1.77 -13.72
CA ALA B 246 31.19 -1.15 -12.51
C ALA B 246 31.80 -1.62 -11.21
N HIS B 247 32.17 -2.90 -11.09
CA HIS B 247 32.67 -3.42 -9.82
C HIS B 247 34.09 -3.97 -9.92
N GLU B 248 34.98 -3.26 -10.65
CA GLU B 248 36.40 -3.64 -10.78
C GLU B 248 37.19 -3.06 -9.62
N LEU B 249 37.86 -3.93 -8.90
CA LEU B 249 38.65 -3.56 -7.74
C LEU B 249 40.13 -3.62 -8.11
N PRO B 250 40.96 -2.61 -7.74
CA PRO B 250 42.39 -2.69 -8.08
C PRO B 250 43.05 -3.92 -7.45
N GLU B 251 43.94 -4.57 -8.20
CA GLU B 251 44.66 -5.75 -7.73
C GLU B 251 45.71 -5.31 -6.70
N SER B 252 45.90 -6.12 -5.66
CA SER B 252 46.82 -5.91 -4.55
C SER B 252 48.25 -5.70 -5.04
N MET B 253 48.93 -4.63 -4.58
CA MET B 253 50.32 -4.36 -5.01
C MET B 253 51.33 -4.33 -3.86
N CYS B 254 52.58 -4.71 -4.17
CA CYS B 254 53.67 -4.71 -3.21
C CYS B 254 54.66 -3.61 -3.58
N LEU B 255 54.90 -2.70 -2.63
CA LEU B 255 55.79 -1.57 -2.79
C LEU B 255 57.07 -1.78 -1.99
N LYS B 256 58.22 -1.81 -2.69
CA LYS B 256 59.53 -1.98 -2.04
C LYS B 256 60.14 -0.60 -1.78
N PHE B 257 60.58 -0.33 -0.56
CA PHE B 257 61.18 0.96 -0.20
C PHE B 257 62.72 0.90 -0.18
N LYS B 258 63.40 2.07 0.00
CA LYS B 258 64.87 2.21 0.00
C LYS B 258 65.54 1.42 1.14
N CYS B 259 64.93 1.43 2.34
CA CYS B 259 65.42 0.80 3.59
C CYS B 259 65.26 -0.75 3.65
N GLY B 260 64.62 -1.33 2.63
CA GLY B 260 64.37 -2.77 2.56
C GLY B 260 62.97 -3.19 2.96
N VAL B 261 62.17 -2.25 3.52
CA VAL B 261 60.79 -2.50 3.95
C VAL B 261 59.87 -2.60 2.74
N GLN B 262 59.13 -3.73 2.65
CA GLN B 262 58.13 -3.97 1.62
C GLN B 262 56.73 -3.82 2.22
N ILE B 263 55.87 -3.06 1.53
CA ILE B 263 54.51 -2.81 2.00
C ILE B 263 53.50 -3.28 1.00
N GLN B 264 52.56 -4.14 1.44
CA GLN B 264 51.46 -4.59 0.61
C GLN B 264 50.29 -3.61 0.78
N LEU B 265 49.79 -3.12 -0.36
CA LEU B 265 48.66 -2.21 -0.46
C LEU B 265 47.51 -3.05 -1.04
N GLY B 266 46.43 -3.18 -0.27
CA GLY B 266 45.25 -3.97 -0.63
C GLY B 266 43.94 -3.22 -0.62
N PHE B 267 42.97 -3.71 -1.42
CA PHE B 267 41.66 -3.06 -1.59
C PHE B 267 40.47 -4.00 -1.42
N ALA B 268 39.39 -3.49 -0.83
CA ALA B 268 38.15 -4.26 -0.64
C ALA B 268 36.93 -3.42 -0.96
N ALA B 269 35.97 -3.98 -1.71
CA ALA B 269 34.73 -3.31 -2.08
C ALA B 269 33.69 -3.46 -0.95
N GLU B 270 33.17 -2.33 -0.46
CA GLU B 270 32.18 -2.29 0.60
C GLU B 270 30.78 -2.04 0.02
N PHE B 271 30.68 -1.07 -0.92
CA PHE B 271 29.49 -0.69 -1.71
C PHE B 271 30.02 -0.38 -3.10
N SER B 272 29.12 -0.11 -4.08
CA SER B 272 29.50 0.24 -5.47
C SER B 272 30.33 1.49 -5.51
N ASN B 273 30.17 2.37 -4.51
CA ASN B 273 30.88 3.65 -4.37
C ASN B 273 31.79 3.72 -3.11
N VAL B 274 31.95 2.61 -2.36
CA VAL B 274 32.76 2.58 -1.13
C VAL B 274 33.86 1.52 -1.19
N MET B 275 35.12 1.96 -1.06
CA MET B 275 36.29 1.10 -1.09
C MET B 275 37.12 1.21 0.18
N ILE B 276 37.64 0.07 0.65
CA ILE B 276 38.57 0.01 1.78
C ILE B 276 39.98 -0.15 1.20
N ILE B 277 40.93 0.66 1.67
CA ILE B 277 42.34 0.60 1.34
C ILE B 277 43.06 0.23 2.64
N TYR B 278 43.90 -0.80 2.59
CA TYR B 278 44.66 -1.22 3.75
C TYR B 278 46.16 -1.37 3.39
N THR B 279 47.05 -1.00 4.33
CA THR B 279 48.53 -1.10 4.22
C THR B 279 49.02 -2.11 5.26
N LYS B 280 49.94 -2.98 4.85
CA LYS B 280 50.54 -4.02 5.69
C LYS B 280 52.04 -4.07 5.45
N ILE B 281 52.85 -4.09 6.53
CA ILE B 281 54.31 -4.24 6.40
C ILE B 281 54.48 -5.76 6.18
N VAL B 282 54.95 -6.17 4.99
CA VAL B 282 55.10 -7.59 4.67
C VAL B 282 56.51 -8.09 4.99
N TYR B 283 57.49 -7.17 5.01
CA TYR B 283 58.87 -7.49 5.33
C TYR B 283 59.54 -6.36 6.11
N LYS B 284 59.98 -6.68 7.32
CA LYS B 284 60.67 -5.76 8.22
C LYS B 284 62.10 -6.30 8.45
N PRO B 285 63.15 -5.66 7.86
CA PRO B 285 64.51 -6.16 8.08
C PRO B 285 64.86 -6.13 9.57
N PRO B 286 65.50 -7.18 10.15
CA PRO B 286 65.81 -7.17 11.60
C PRO B 286 66.19 -5.81 12.18
N GLU B 287 67.04 -5.02 11.44
CA GLU B 287 67.53 -3.67 11.74
C GLU B 287 66.39 -2.71 12.11
N ILE B 288 65.34 -2.62 11.26
CA ILE B 288 64.17 -1.76 11.50
C ILE B 288 63.29 -2.44 12.56
N ILE B 289 63.06 -1.75 13.70
CA ILE B 289 62.25 -2.30 14.80
C ILE B 289 60.81 -1.71 14.82
N MET B 290 60.70 -0.37 14.74
CA MET B 290 59.43 0.34 14.73
C MET B 290 59.22 1.06 13.39
N CYS B 291 58.17 0.66 12.63
CA CYS B 291 57.84 1.23 11.32
C CYS B 291 56.33 1.40 11.10
N ASP B 292 55.94 2.50 10.43
CA ASP B 292 54.54 2.86 10.15
C ASP B 292 54.36 3.36 8.71
N ALA B 293 53.36 2.80 8.01
CA ALA B 293 53.01 3.16 6.63
C ALA B 293 51.65 3.84 6.62
N TYR B 294 51.55 5.02 6.00
CA TYR B 294 50.26 5.72 5.97
C TYR B 294 49.95 6.38 4.60
N VAL B 295 48.66 6.41 4.24
CA VAL B 295 48.19 6.96 2.96
C VAL B 295 47.70 8.39 3.11
N THR B 296 48.19 9.26 2.19
CA THR B 296 47.91 10.69 2.14
C THR B 296 47.77 11.18 0.68
N ASP B 297 47.48 12.50 0.51
CA ASP B 297 47.37 13.25 -0.75
C ASP B 297 46.46 12.58 -1.76
N PHE B 298 45.21 12.39 -1.33
CA PHE B 298 44.11 11.80 -2.10
C PHE B 298 43.43 12.90 -2.92
N PRO B 299 42.77 12.56 -4.05
CA PRO B 299 42.06 13.57 -4.84
C PRO B 299 41.01 14.34 -4.03
N LEU B 300 40.97 15.69 -4.19
CA LEU B 300 40.07 16.59 -3.47
C LEU B 300 38.58 16.32 -3.71
N ASP B 301 38.22 15.71 -4.87
CA ASP B 301 36.84 15.34 -5.24
C ASP B 301 36.23 14.40 -4.20
N LEU B 302 37.06 13.47 -3.69
CA LEU B 302 36.69 12.42 -2.76
C LEU B 302 36.25 12.89 -1.38
N ASP B 303 36.83 14.01 -0.86
CA ASP B 303 36.49 14.62 0.45
C ASP B 303 36.64 13.59 1.61
N ILE B 304 37.88 13.10 1.81
CA ILE B 304 38.19 12.12 2.86
C ILE B 304 38.72 12.80 4.11
N ASP B 305 38.08 12.49 5.26
CA ASP B 305 38.50 12.97 6.59
C ASP B 305 39.83 12.25 6.93
N PRO B 306 40.98 12.95 7.11
CA PRO B 306 42.24 12.24 7.45
C PRO B 306 42.24 11.62 8.86
N LYS B 307 41.10 11.75 9.55
CA LYS B 307 40.81 11.24 10.89
C LYS B 307 39.79 10.09 10.78
N ASP B 308 39.68 9.52 9.57
CA ASP B 308 38.85 8.38 9.15
C ASP B 308 39.63 7.59 8.07
N ALA B 309 40.97 7.82 8.11
CA ALA B 309 42.01 7.24 7.28
C ALA B 309 43.16 6.79 8.20
N ASN B 310 43.89 5.74 7.81
CA ASN B 310 45.02 5.13 8.55
C ASN B 310 44.64 4.71 9.96
N LYS B 311 43.47 4.05 10.11
CA LYS B 311 42.96 3.56 11.38
C LYS B 311 43.41 2.13 11.69
N GLY B 312 43.60 1.81 12.97
CA GLY B 312 44.02 0.50 13.46
C GLY B 312 43.03 -0.63 13.18
N THR B 313 41.71 -0.30 13.15
CA THR B 313 40.63 -1.24 12.83
C THR B 313 39.70 -0.72 11.71
N PRO B 314 39.12 -1.62 10.85
CA PRO B 314 38.18 -1.15 9.82
C PRO B 314 36.90 -0.49 10.36
N GLU B 315 36.43 -0.93 11.56
CA GLU B 315 35.25 -0.39 12.27
C GLU B 315 35.38 1.13 12.51
N GLU B 316 36.61 1.59 12.89
CA GLU B 316 36.98 2.99 13.17
C GLU B 316 36.76 3.94 11.98
N THR B 317 36.95 3.45 10.73
CA THR B 317 36.83 4.24 9.50
C THR B 317 35.37 4.50 9.13
N GLY B 318 34.46 3.85 9.85
CA GLY B 318 33.03 3.94 9.63
C GLY B 318 32.54 2.83 8.72
N SER B 319 33.39 1.80 8.54
CA SER B 319 33.09 0.67 7.68
C SER B 319 32.04 -0.28 8.29
N TYR B 320 31.37 -1.05 7.43
CA TYR B 320 30.43 -2.09 7.84
C TYR B 320 31.32 -3.29 8.20
N LEU B 321 32.44 -3.44 7.45
CA LEU B 321 33.39 -4.54 7.61
C LEU B 321 34.12 -4.47 8.95
N VAL B 322 34.16 -5.60 9.66
CA VAL B 322 34.81 -5.76 10.96
C VAL B 322 36.28 -6.17 10.74
N SER B 323 37.07 -6.25 11.84
CA SER B 323 38.50 -6.62 11.81
C SER B 323 38.76 -7.99 11.17
N LYS B 324 37.84 -8.94 11.42
CA LYS B 324 37.86 -10.33 10.92
C LYS B 324 37.37 -10.46 9.45
N ASP B 325 36.74 -9.42 8.87
CA ASP B 325 36.24 -9.43 7.48
C ASP B 325 37.34 -9.09 6.45
N LEU B 326 38.55 -8.71 6.92
CA LEU B 326 39.67 -8.30 6.07
C LEU B 326 40.99 -8.90 6.56
N PRO B 327 42.13 -8.76 5.81
CA PRO B 327 43.43 -9.21 6.35
C PRO B 327 43.75 -8.47 7.64
N LYS B 328 44.29 -9.18 8.66
CA LYS B 328 44.56 -8.60 9.99
C LYS B 328 45.99 -8.13 10.21
N ALA B 329 46.13 -7.18 11.18
CA ALA B 329 47.34 -6.44 11.64
C ALA B 329 47.85 -5.42 10.58
N CYS B 330 46.88 -4.63 10.03
CA CYS B 330 47.06 -3.62 8.97
C CYS B 330 46.61 -2.20 9.46
N LEU B 331 46.44 -1.24 8.51
CA LEU B 331 45.95 0.14 8.71
C LEU B 331 44.95 0.40 7.62
N TYR B 332 43.75 0.82 8.00
CA TYR B 332 42.60 0.95 7.12
C TYR B 332 42.20 2.40 6.81
N THR B 333 41.83 2.63 5.55
CA THR B 333 41.39 3.91 5.02
C THR B 333 40.15 3.58 4.21
N ARG B 334 39.02 4.23 4.53
CA ARG B 334 37.76 4.01 3.82
C ARG B 334 37.51 5.15 2.85
N LEU B 335 37.25 4.81 1.60
CA LEU B 335 36.96 5.77 0.57
C LEU B 335 35.56 5.58 0.05
N SER B 336 34.62 6.29 0.64
CA SER B 336 33.25 6.37 0.14
C SER B 336 33.34 7.55 -0.85
N SER B 337 32.26 7.94 -1.52
CA SER B 337 32.30 9.08 -2.46
C SER B 337 33.13 8.81 -3.74
N LEU B 338 33.23 7.53 -4.17
CA LEU B 338 33.90 7.16 -5.44
C LEU B 338 33.13 7.71 -6.66
N GLN B 339 31.84 8.05 -6.49
CA GLN B 339 30.98 8.62 -7.53
C GLN B 339 31.37 10.07 -7.85
N LYS B 340 32.24 10.68 -7.01
CA LYS B 340 32.73 12.05 -7.13
C LYS B 340 34.09 12.13 -7.85
N LEU B 341 34.81 10.99 -7.90
CA LEU B 341 36.12 10.86 -8.54
C LEU B 341 36.00 10.98 -10.08
N LYS B 342 36.56 12.08 -10.63
CA LYS B 342 36.56 12.46 -12.04
C LYS B 342 37.85 11.99 -12.77
N GLU B 343 39.01 12.13 -12.12
CA GLU B 343 40.28 11.70 -12.69
C GLU B 343 40.70 10.35 -12.10
N GLU B 344 41.92 9.86 -12.43
CA GLU B 344 42.43 8.59 -11.92
C GLU B 344 42.75 8.66 -10.42
N LEU B 345 42.62 7.54 -9.68
CA LEU B 345 42.92 7.55 -8.25
C LEU B 345 44.41 7.49 -7.98
N VAL B 346 45.01 8.67 -7.71
CA VAL B 346 46.43 8.83 -7.40
C VAL B 346 46.57 9.37 -5.97
N PHE B 347 47.40 8.70 -5.15
CA PHE B 347 47.68 9.09 -3.77
C PHE B 347 49.12 8.71 -3.38
N THR B 348 49.55 9.11 -2.18
CA THR B 348 50.90 8.82 -1.69
C THR B 348 50.90 7.77 -0.58
N VAL B 349 51.97 6.93 -0.54
CA VAL B 349 52.22 5.91 0.49
C VAL B 349 53.50 6.33 1.22
N CYS B 350 53.32 6.82 2.45
CA CYS B 350 54.40 7.29 3.32
C CYS B 350 54.91 6.15 4.19
N LEU B 351 56.22 6.17 4.55
CA LEU B 351 56.82 5.17 5.44
C LEU B 351 57.80 5.81 6.42
N SER B 352 57.40 5.82 7.71
CA SER B 352 58.21 6.36 8.81
C SER B 352 58.79 5.20 9.62
N TYR B 353 60.14 5.13 9.75
CA TYR B 353 60.78 4.03 10.47
C TYR B 353 61.94 4.45 11.37
N GLN B 354 61.94 3.94 12.62
CA GLN B 354 62.97 4.22 13.62
C GLN B 354 64.13 3.21 13.55
N THR B 361 63.38 9.93 13.26
CA THR B 361 62.48 9.14 12.40
C THR B 361 62.83 9.35 10.93
N VAL B 362 62.91 8.26 10.16
CA VAL B 362 63.26 8.29 8.74
C VAL B 362 62.02 8.14 7.86
N GLU B 363 61.74 9.19 7.07
CA GLU B 363 60.61 9.24 6.15
C GLU B 363 61.02 9.10 4.68
N ASP B 364 60.13 8.45 3.89
CA ASP B 364 60.23 8.18 2.45
C ASP B 364 58.79 8.04 1.91
N LYS B 365 58.62 8.25 0.61
CA LYS B 365 57.32 8.16 -0.04
C LYS B 365 57.39 7.64 -1.49
N GLN B 366 56.31 6.99 -1.92
CA GLN B 366 56.10 6.45 -3.27
C GLN B 366 54.68 6.83 -3.71
N GLU B 367 54.53 7.30 -4.96
CA GLU B 367 53.24 7.69 -5.52
C GLU B 367 52.58 6.47 -6.15
N VAL B 368 51.29 6.29 -5.87
CA VAL B 368 50.51 5.16 -6.37
C VAL B 368 49.35 5.66 -7.21
N ASN B 369 49.09 4.98 -8.35
CA ASN B 369 47.96 5.19 -9.28
C ASN B 369 47.24 3.85 -9.37
N VAL B 370 45.96 3.79 -8.92
CA VAL B 370 45.15 2.56 -8.95
C VAL B 370 43.92 2.68 -9.89
N GLY B 371 44.06 3.46 -10.96
CA GLY B 371 43.01 3.70 -11.94
C GLY B 371 41.72 4.27 -11.35
N LYS B 372 40.58 3.92 -11.96
CA LYS B 372 39.26 4.36 -11.53
C LYS B 372 38.54 3.17 -10.89
N PRO B 373 38.64 3.01 -9.54
CA PRO B 373 38.04 1.83 -8.90
C PRO B 373 36.54 1.87 -8.83
N LEU B 374 35.93 0.67 -8.86
CA LEU B 374 34.51 0.44 -8.74
C LEU B 374 33.69 1.35 -9.67
N ILE B 375 32.70 2.13 -9.12
CA ILE B 375 31.78 3.00 -9.88
C ILE B 375 32.49 4.11 -10.68
N ALA B 376 33.70 4.52 -10.23
CA ALA B 376 34.50 5.55 -10.89
C ALA B 376 34.94 5.16 -12.30
N LYS B 377 34.91 3.84 -12.61
CA LYS B 377 35.27 3.30 -13.94
C LYS B 377 34.27 3.75 -15.04
N LEU B 378 33.01 4.08 -14.63
CA LEU B 378 31.96 4.65 -15.50
C LEU B 378 32.03 6.17 -15.32
N ASP B 379 31.91 6.92 -16.41
CA ASP B 379 31.93 8.39 -16.33
C ASP B 379 30.50 8.87 -16.04
N MET B 380 30.35 9.63 -14.93
CA MET B 380 29.06 10.12 -14.43
C MET B 380 29.07 11.62 -14.07
C1 6IT C . 24.78 7.88 -12.82
C2 6IT C . 25.32 9.05 -12.33
C3 6IT C . 24.61 6.83 -11.94
C7 6IT C . 23.92 -1.51 -16.24
C8 6IT C . 24.40 -0.33 -15.85
C9 6IT C . 24.16 0.08 -14.44
C10 6IT C . 25.21 3.77 -11.31
C11 6IT C . 22.76 3.68 -11.88
C12 6IT C . 25.51 2.90 -12.52
C13 6IT C . 23.09 2.84 -13.11
C14 6IT C . 23.91 4.57 -11.48
C15 6IT C . 24.35 2.02 -12.89
C16 6IT C . 25.77 8.26 -8.83
N18 6IT C . 24.94 6.99 -10.64
N23 6IT C . 24.05 5.64 -12.45
C4 6IT C . 23.22 -2.31 -15.34
C5 6IT C . 25.46 8.16 -10.28
C6 6IT C . 22.36 -2.79 -13.42
N17 6IT C . 25.68 9.22 -11.05
N19 6IT C . 22.64 -3.49 -15.43
N20 6IT C . 22.09 -3.80 -14.21
N21 6IT C . 23.51 -0.66 -13.59
N22 6IT C . 23.07 -1.83 -14.07
N24 6IT C . 24.69 1.32 -14.11
F25 6IT C . 24.68 8.01 -8.07
F26 6IT C . 26.70 7.35 -8.45
F27 6IT C . 26.20 9.47 -8.39
CL28 6IT C . 21.95 -2.61 -11.78
#